data_9MKE
#
_entry.id   9MKE
#
_cell.length_a   73.260
_cell.length_b   77.870
_cell.length_c   93.220
_cell.angle_alpha   90.00
_cell.angle_beta   93.00
_cell.angle_gamma   90.00
#
_symmetry.space_group_name_H-M   'P 1 21 1'
#
loop_
_entity.id
_entity.type
_entity.pdbx_description
1 polymer 'Mucosa-associated lymphoid tissue lymphoma translocation protein 1'
2 non-polymer 'CALCIUM ION'
3 non-polymer 'TRIETHYLENE GLYCOL'
4 non-polymer 1,2-ETHANEDIOL
5 non-polymer (8R,9R)-2-chloro-N-[5-chloro-6-(2H-1,2,3-triazol-2-yl)pyridin-3-yl]-8-methyl-8-(trifluoromethyl)-7,8-dihydro-6H-pyrazolo[1,5-a]pyrrolo[2,3-e]pyrimidine-6-carboxamide
6 water water
#
_entity_poly.entity_id   1
_entity_poly.type   'polypeptide(L)'
_entity_poly.pdbx_seq_one_letter_code
;TTDQPLAKDKVALLIGNMNYREHPKLKAPLVDVYELTNLLRQLDFKVVSLLDLTEYEMRNAVDEFLLLLDKGVYGLLYYA
GHGYENFGNSFMVPVDAPNPYRSENCLCVQNILKLMQEKETGLNVFLLDMCRKRNDYDDTIPILDALKVTANIVFGYATC
QGAEAFEIQHSGLANGIFMKFLKDRLLEDKKITVLLDEVAEDMGKCHLTKGKQALEIRSSLSEKRALTDPIQGTEYSAES
LVRNLQWAKAHELPESMCLKFDCGVQIQLGFAAEFSNVMIIYTSIVYKPPEIIMCDAYVTDFPLDLDIDPKDANKGTPEE
TGSYLVSKDLPKHCLYTRLSSLQKLKEHLVFTVCLSYQYSGLEDTVEDKQEVNVGKPLIAKLDMHR
;
_entity_poly.pdbx_strand_id   A,B
#
# COMPACT_ATOMS: atom_id res chain seq x y z
N ASP A 3 -13.92 18.78 -14.80
CA ASP A 3 -14.70 19.39 -13.70
C ASP A 3 -14.59 18.56 -12.42
N GLN A 4 -15.33 18.97 -11.38
CA GLN A 4 -15.32 18.24 -10.12
C GLN A 4 -16.16 16.97 -10.28
N PRO A 5 -15.64 15.79 -9.92
CA PRO A 5 -16.44 14.57 -9.92
C PRO A 5 -17.37 14.56 -8.71
N LEU A 6 -18.60 14.15 -8.95
CA LEU A 6 -19.60 14.07 -7.89
C LEU A 6 -20.14 12.65 -7.80
N ALA A 7 -20.62 12.32 -6.62
CA ALA A 7 -21.32 11.07 -6.42
C ALA A 7 -22.82 11.34 -6.41
N LYS A 8 -23.57 10.45 -7.03
CA LYS A 8 -25.03 10.46 -6.87
C LYS A 8 -25.44 9.95 -5.49
N ASP A 9 -24.71 8.95 -5.02
CA ASP A 9 -24.89 8.42 -3.67
C ASP A 9 -23.63 7.68 -3.28
N LYS A 10 -23.56 7.31 -2.01
CA LYS A 10 -22.42 6.62 -1.43
C LYS A 10 -22.94 5.49 -0.58
N VAL A 11 -22.78 4.27 -1.07
CA VAL A 11 -23.33 3.09 -0.41
C VAL A 11 -22.22 2.06 -0.21
N ALA A 12 -22.27 1.31 0.88
CA ALA A 12 -21.27 0.29 1.14
C ALA A 12 -21.82 -0.94 1.84
N LEU A 13 -21.26 -2.10 1.50
CA LEU A 13 -21.61 -3.36 2.14
C LEU A 13 -20.31 -4.03 2.59
N LEU A 14 -20.24 -4.38 3.86
CA LEU A 14 -19.05 -4.98 4.44
C LEU A 14 -19.46 -6.31 5.05
N ILE A 15 -18.77 -7.39 4.69
CA ILE A 15 -19.10 -8.73 5.20
C ILE A 15 -17.88 -9.34 5.89
N GLY A 16 -18.05 -9.82 7.11
CA GLY A 16 -16.98 -10.53 7.81
C GLY A 16 -17.40 -11.92 8.24
N ASN A 17 -16.80 -12.96 7.67
CA ASN A 17 -17.16 -14.33 8.04
C ASN A 17 -16.09 -14.95 8.91
N MET A 18 -16.54 -15.49 10.04
CA MET A 18 -15.66 -16.00 11.09
C MET A 18 -16.07 -17.35 11.63
N ASN A 19 -17.35 -17.46 11.98
CA ASN A 19 -17.85 -18.62 12.69
C ASN A 19 -18.26 -19.71 11.71
N TYR A 20 -17.26 -20.23 11.03
CA TYR A 20 -17.45 -21.30 10.06
C TYR A 20 -17.75 -22.62 10.74
N ARG A 21 -18.69 -23.35 10.16
CA ARG A 21 -19.12 -24.60 10.77
C ARG A 21 -18.19 -25.76 10.43
N GLU A 22 -17.85 -25.90 9.15
CA GLU A 22 -17.09 -27.04 8.64
C GLU A 22 -15.65 -26.69 8.30
N HIS A 23 -15.24 -25.49 8.66
CA HIS A 23 -13.96 -24.91 8.26
C HIS A 23 -13.37 -24.20 9.46
N PRO A 24 -12.04 -23.93 9.52
CA PRO A 24 -11.45 -23.36 10.72
C PRO A 24 -11.92 -21.95 10.97
N LYS A 25 -12.18 -21.65 12.23
CA LYS A 25 -12.77 -20.38 12.57
C LYS A 25 -11.75 -19.25 12.51
N LEU A 26 -12.21 -18.10 12.04
CA LEU A 26 -11.35 -16.92 11.94
C LEU A 26 -11.78 -15.92 12.99
N LYS A 27 -10.91 -14.94 13.25
CA LYS A 27 -11.15 -13.92 14.27
C LYS A 27 -10.98 -12.51 13.74
N ALA A 28 -10.02 -12.34 12.82
CA ALA A 28 -9.71 -11.02 12.27
C ALA A 28 -10.82 -10.14 11.69
N PRO A 29 -11.77 -10.66 10.88
CA PRO A 29 -12.84 -9.89 10.26
C PRO A 29 -13.60 -8.89 11.09
N LEU A 30 -13.97 -9.28 12.31
CA LEU A 30 -14.75 -8.42 13.21
C LEU A 30 -14.20 -7.01 13.35
N VAL A 31 -12.93 -6.94 13.72
CA VAL A 31 -12.26 -5.66 13.94
C VAL A 31 -12.14 -4.83 12.66
N ASP A 32 -11.85 -5.55 11.57
CA ASP A 32 -11.56 -4.85 10.32
C ASP A 32 -12.83 -4.33 9.66
N VAL A 33 -13.92 -5.07 9.76
CA VAL A 33 -15.23 -4.59 9.32
C VAL A 33 -15.66 -3.37 10.11
N TYR A 34 -15.53 -3.46 11.44
CA TYR A 34 -15.93 -2.34 12.31
C TYR A 34 -15.16 -1.04 12.03
N GLU A 35 -13.85 -1.17 11.92
CA GLU A 35 -13.01 0.01 11.70
C GLU A 35 -13.15 0.58 10.29
N LEU A 36 -13.41 -0.27 9.31
CA LEU A 36 -13.69 0.22 7.95
C LEU A 36 -15.07 0.87 7.86
N THR A 37 -16.05 0.31 8.56
CA THR A 37 -17.39 0.90 8.69
C THR A 37 -17.31 2.31 9.24
N ASN A 38 -16.57 2.45 10.33
CA ASN A 38 -16.34 3.74 10.97
C ASN A 38 -15.66 4.76 10.06
N LEU A 39 -14.65 4.33 9.30
CA LEU A 39 -14.07 5.19 8.28
C LEU A 39 -15.08 5.65 7.23
N LEU A 40 -15.83 4.71 6.67
CA LEU A 40 -16.68 5.03 5.53
C LEU A 40 -17.88 5.89 5.89
N ARG A 41 -18.37 5.65 7.09
CA ARG A 41 -19.41 6.46 7.71
C ARG A 41 -19.03 7.94 7.84
N GLN A 42 -17.75 8.19 8.13
CA GLN A 42 -17.24 9.56 8.20
C GLN A 42 -17.03 10.21 6.84
N LEU A 43 -16.97 9.38 5.81
CA LEU A 43 -16.88 9.87 4.43
C LEU A 43 -18.27 10.01 3.79
N ASP A 44 -19.34 9.88 4.58
CA ASP A 44 -20.70 10.05 4.09
C ASP A 44 -21.27 8.86 3.34
N PHE A 45 -20.71 7.68 3.57
CA PHE A 45 -21.36 6.47 3.08
C PHE A 45 -22.44 5.99 4.04
N LYS A 46 -23.54 5.52 3.47
CA LYS A 46 -24.45 4.64 4.19
C LYS A 46 -23.88 3.24 4.13
N VAL A 47 -23.60 2.65 5.29
CA VAL A 47 -22.90 1.36 5.37
C VAL A 47 -23.82 0.30 5.97
N VAL A 48 -23.79 -0.89 5.37
CA VAL A 48 -24.32 -2.10 5.99
C VAL A 48 -23.13 -2.97 6.36
N SER A 49 -23.10 -3.43 7.59
CA SER A 49 -21.98 -4.22 8.08
C SER A 49 -22.55 -5.50 8.67
N LEU A 50 -22.17 -6.64 8.10
CA LEU A 50 -22.78 -7.91 8.47
C LEU A 50 -21.72 -8.93 8.85
N LEU A 51 -21.91 -9.61 9.96
CA LEU A 51 -20.99 -10.67 10.36
C LEU A 51 -21.65 -12.02 10.21
N ASP A 52 -20.85 -13.00 9.79
CA ASP A 52 -21.19 -14.43 9.86
C ASP A 52 -22.41 -14.80 9.03
N LEU A 53 -22.25 -14.77 7.72
CA LEU A 53 -23.39 -14.95 6.85
C LEU A 53 -23.33 -16.31 6.15
N THR A 54 -24.51 -16.91 6.05
CA THR A 54 -24.73 -18.11 5.23
C THR A 54 -24.82 -17.75 3.76
N GLU A 55 -24.81 -18.78 2.90
CA GLU A 55 -24.97 -18.56 1.46
C GLU A 55 -26.20 -17.74 1.09
N TYR A 56 -27.35 -18.15 1.62
CA TYR A 56 -28.60 -17.43 1.37
C TYR A 56 -28.56 -15.96 1.81
N GLU A 57 -28.04 -15.75 3.02
CA GLU A 57 -27.91 -14.40 3.57
C GLU A 57 -26.94 -13.55 2.76
N MET A 58 -25.82 -14.13 2.36
CA MET A 58 -24.84 -13.41 1.55
C MET A 58 -25.38 -13.02 0.19
N ARG A 59 -26.07 -13.96 -0.46
CA ARG A 59 -26.63 -13.64 -1.76
C ARG A 59 -27.71 -12.59 -1.72
N ASN A 60 -28.60 -12.65 -0.72
CA ASN A 60 -29.57 -11.57 -0.55
C ASN A 60 -28.93 -10.23 -0.26
N ALA A 61 -27.93 -10.25 0.63
CA ALA A 61 -27.18 -9.03 0.95
C ALA A 61 -26.47 -8.39 -0.23
N VAL A 62 -25.76 -9.20 -1.00
CA VAL A 62 -25.04 -8.68 -2.17
C VAL A 62 -25.99 -8.24 -3.29
N ASP A 63 -27.02 -9.04 -3.57
CA ASP A 63 -28.00 -8.66 -4.59
C ASP A 63 -28.65 -7.32 -4.31
N GLU A 64 -29.04 -7.11 -3.06
CA GLU A 64 -29.71 -5.85 -2.72
C GLU A 64 -28.76 -4.67 -2.66
N PHE A 65 -27.49 -4.94 -2.37
CA PHE A 65 -26.46 -3.94 -2.58
C PHE A 65 -26.31 -3.55 -4.06
N LEU A 66 -26.28 -4.54 -4.93
CA LEU A 66 -26.12 -4.27 -6.36
C LEU A 66 -27.32 -3.54 -6.96
N LEU A 67 -28.49 -3.75 -6.40
CA LEU A 67 -29.68 -2.97 -6.74
C LEU A 67 -29.57 -1.50 -6.40
N LEU A 68 -28.67 -1.12 -5.49
CA LEU A 68 -28.51 0.29 -5.16
C LEU A 68 -27.54 1.00 -6.07
N LEU A 69 -26.84 0.23 -6.92
CA LEU A 69 -25.85 0.82 -7.78
C LEU A 69 -26.55 1.28 -9.06
N ASP A 70 -26.40 2.56 -9.31
CA ASP A 70 -26.98 3.23 -10.45
C ASP A 70 -25.99 4.22 -11.00
N LYS A 71 -26.39 4.89 -12.07
CA LYS A 71 -25.61 5.94 -12.69
C LYS A 71 -25.11 6.99 -11.70
N GLY A 72 -23.79 7.09 -11.61
CA GLY A 72 -23.20 8.09 -10.72
C GLY A 72 -22.98 7.65 -9.29
N VAL A 73 -23.52 6.50 -8.91
CA VAL A 73 -23.42 6.05 -7.51
C VAL A 73 -22.00 5.56 -7.25
N TYR A 74 -21.53 5.81 -6.04
CA TYR A 74 -20.27 5.30 -5.58
C TYR A 74 -20.59 4.13 -4.68
N GLY A 75 -20.11 2.95 -5.05
CA GLY A 75 -20.41 1.73 -4.29
C GLY A 75 -19.15 1.03 -3.82
N LEU A 76 -19.10 0.64 -2.55
CA LEU A 76 -17.96 -0.11 -2.02
C LEU A 76 -18.42 -1.43 -1.43
N LEU A 77 -17.78 -2.51 -1.84
CA LEU A 77 -18.05 -3.85 -1.30
C LEU A 77 -16.77 -4.37 -0.69
N TYR A 78 -16.88 -4.90 0.53
CA TYR A 78 -15.73 -5.49 1.22
C TYR A 78 -16.10 -6.86 1.74
N TYR A 79 -15.20 -7.80 1.55
CA TYR A 79 -15.33 -9.12 2.14
C TYR A 79 -14.06 -9.49 2.88
N ALA A 80 -14.23 -10.07 4.07
CA ALA A 80 -13.16 -10.73 4.76
C ALA A 80 -13.61 -12.07 5.30
N GLY A 81 -12.75 -13.07 5.19
CA GLY A 81 -13.12 -14.43 5.58
C GLY A 81 -12.44 -15.45 4.70
N HIS A 82 -12.92 -16.70 4.69
CA HIS A 82 -12.29 -17.70 3.82
C HIS A 82 -12.69 -17.48 2.38
N GLY A 83 -11.70 -17.69 1.50
CA GLY A 83 -11.97 -17.71 0.07
C GLY A 83 -11.27 -18.86 -0.61
N TYR A 84 -11.60 -19.11 -1.87
CA TYR A 84 -10.86 -20.06 -2.68
C TYR A 84 -10.74 -19.59 -4.11
N GLU A 85 -9.86 -20.24 -4.89
CA GLU A 85 -9.64 -19.88 -6.27
C GLU A 85 -9.58 -21.14 -7.14
N ASN A 86 -10.23 -21.09 -8.30
CA ASN A 86 -10.23 -22.18 -9.29
C ASN A 86 -10.34 -21.58 -10.69
N PHE A 87 -9.28 -21.72 -11.48
CA PHE A 87 -9.26 -21.37 -12.90
C PHE A 87 -9.56 -19.91 -13.18
N GLY A 88 -8.96 -19.07 -12.34
CA GLY A 88 -9.14 -17.63 -12.48
C GLY A 88 -10.35 -17.09 -11.74
N ASN A 89 -11.28 -17.98 -11.40
CA ASN A 89 -12.48 -17.62 -10.69
C ASN A 89 -12.19 -17.77 -9.21
N SER A 90 -12.48 -16.72 -8.46
CA SER A 90 -12.32 -16.72 -7.02
C SER A 90 -13.67 -16.69 -6.34
N PHE A 91 -13.71 -17.18 -5.12
CA PHE A 91 -14.97 -17.43 -4.43
C PHE A 91 -14.87 -17.00 -3.00
N MET A 92 -15.96 -16.45 -2.49
CA MET A 92 -16.12 -16.06 -1.09
C MET A 92 -16.94 -17.16 -0.43
N VAL A 93 -16.44 -17.70 0.68
CA VAL A 93 -17.05 -18.89 1.29
C VAL A 93 -17.95 -18.49 2.47
N PRO A 94 -19.25 -18.80 2.44
CA PRO A 94 -20.14 -18.54 3.58
C PRO A 94 -19.89 -19.47 4.76
N VAL A 95 -20.39 -19.06 5.93
CA VAL A 95 -20.13 -19.84 7.15
C VAL A 95 -20.80 -21.22 7.21
N ASP A 96 -21.83 -21.42 6.40
CA ASP A 96 -22.51 -22.71 6.32
C ASP A 96 -21.94 -23.63 5.25
N ALA A 97 -20.84 -23.23 4.60
CA ALA A 97 -20.31 -24.02 3.50
C ALA A 97 -19.83 -25.41 3.93
N PRO A 98 -20.22 -26.49 3.23
CA PRO A 98 -19.61 -27.81 3.36
C PRO A 98 -18.11 -27.83 3.16
N ASN A 99 -17.50 -28.89 3.65
CA ASN A 99 -16.10 -29.18 3.37
C ASN A 99 -16.10 -30.47 2.53
N PRO A 100 -15.51 -30.50 1.32
CA PRO A 100 -14.75 -29.44 0.65
C PRO A 100 -15.62 -28.37 0.02
N TYR A 101 -14.94 -27.32 -0.46
CA TYR A 101 -15.63 -26.21 -1.09
C TYR A 101 -16.19 -26.62 -2.44
N ARG A 102 -17.39 -26.16 -2.71
CA ARG A 102 -17.96 -26.25 -4.04
C ARG A 102 -18.50 -24.91 -4.45
N SER A 103 -18.35 -24.63 -5.75
CA SER A 103 -18.81 -23.35 -6.32
C SER A 103 -20.28 -23.05 -6.16
N GLU A 104 -21.10 -24.10 -6.09
CA GLU A 104 -22.53 -23.91 -5.86
C GLU A 104 -22.84 -23.29 -4.51
N ASN A 105 -21.98 -23.56 -3.53
CA ASN A 105 -22.18 -23.08 -2.17
C ASN A 105 -21.57 -21.72 -1.91
N CYS A 106 -20.79 -21.20 -2.85
CA CYS A 106 -19.98 -20.02 -2.62
C CYS A 106 -20.39 -18.93 -3.58
N LEU A 107 -20.03 -17.69 -3.23
CA LEU A 107 -20.33 -16.58 -4.13
C LEU A 107 -19.08 -16.29 -4.94
N CYS A 108 -19.23 -16.28 -6.26
CA CYS A 108 -18.11 -16.02 -7.16
C CYS A 108 -17.83 -14.54 -7.31
N VAL A 109 -16.57 -14.20 -7.06
CA VAL A 109 -16.04 -12.84 -7.12
C VAL A 109 -16.19 -12.22 -8.50
N GLN A 110 -15.84 -12.98 -9.52
CA GLN A 110 -15.81 -12.44 -10.88
C GLN A 110 -17.18 -12.11 -11.42
N ASN A 111 -18.20 -12.81 -10.93
CA ASN A 111 -19.56 -12.50 -11.35
C ASN A 111 -20.04 -11.21 -10.71
N ILE A 112 -19.73 -11.01 -9.43
CA ILE A 112 -19.97 -9.73 -8.74
C ILE A 112 -19.24 -8.58 -9.41
N LEU A 113 -17.98 -8.82 -9.78
CA LEU A 113 -17.20 -7.84 -10.54
C LEU A 113 -17.80 -7.46 -11.90
N LYS A 114 -18.37 -8.46 -12.57
CA LYS A 114 -19.00 -8.23 -13.87
C LYS A 114 -20.34 -7.52 -13.73
N LEU A 115 -21.07 -7.83 -12.67
CA LEU A 115 -22.32 -7.12 -12.38
C LEU A 115 -22.09 -5.67 -12.00
N MET A 116 -21.03 -5.40 -11.25
CA MET A 116 -20.70 -4.04 -10.85
C MET A 116 -20.26 -3.16 -12.01
N GLN A 117 -19.48 -3.73 -12.92
CA GLN A 117 -19.02 -2.98 -14.09
C GLN A 117 -20.08 -2.85 -15.20
N GLU A 118 -21.21 -3.53 -15.04
CA GLU A 118 -22.33 -3.35 -15.95
C GLU A 118 -23.19 -2.14 -15.57
N LYS A 119 -22.89 -1.54 -14.43
CA LYS A 119 -23.55 -0.33 -13.98
C LYS A 119 -22.79 0.88 -14.48
N GLU A 120 -23.49 1.99 -14.57
CA GLU A 120 -22.86 3.26 -14.94
C GLU A 120 -22.49 4.08 -13.71
N THR A 121 -22.11 3.40 -12.64
CA THR A 121 -21.57 3.98 -11.41
C THR A 121 -20.49 5.02 -11.63
N GLY A 122 -20.32 5.91 -10.67
CA GLY A 122 -19.22 6.85 -10.76
C GLY A 122 -17.93 6.24 -10.25
N LEU A 123 -18.05 5.26 -9.34
CA LEU A 123 -16.90 4.55 -8.79
C LEU A 123 -17.40 3.25 -8.18
N ASN A 124 -16.81 2.14 -8.59
CA ASN A 124 -16.99 0.85 -7.95
C ASN A 124 -15.73 0.48 -7.20
N VAL A 125 -15.86 0.07 -5.94
CA VAL A 125 -14.71 -0.41 -5.19
C VAL A 125 -15.06 -1.80 -4.68
N PHE A 126 -14.21 -2.78 -4.94
CA PHE A 126 -14.46 -4.15 -4.46
C PHE A 126 -13.19 -4.67 -3.85
N LEU A 127 -13.24 -4.99 -2.57
CA LEU A 127 -12.06 -5.29 -1.77
C LEU A 127 -12.22 -6.66 -1.12
N LEU A 128 -11.28 -7.57 -1.36
CA LEU A 128 -11.37 -8.92 -0.77
C LEU A 128 -10.14 -9.24 0.05
N ASP A 129 -10.40 -9.69 1.26
CA ASP A 129 -9.36 -10.00 2.20
C ASP A 129 -9.53 -11.45 2.59
N MET A 130 -8.94 -12.32 1.78
CA MET A 130 -9.27 -13.73 1.87
C MET A 130 -8.24 -14.47 2.69
N CYS A 131 -8.71 -15.44 3.46
CA CYS A 131 -7.84 -16.53 3.89
C CYS A 131 -7.99 -17.65 2.88
N ARG A 132 -6.87 -18.07 2.30
CA ARG A 132 -6.90 -19.26 1.45
C ARG A 132 -6.44 -20.48 2.22
N LYS A 133 -6.83 -21.66 1.72
CA LYS A 133 -6.19 -22.91 2.08
C LYS A 133 -4.71 -22.91 1.72
N ARG A 134 -3.92 -23.58 2.55
CA ARG A 134 -2.45 -23.52 2.46
C ARG A 134 -1.83 -23.67 1.08
N ASN A 135 -2.34 -24.66 0.33
CA ASN A 135 -1.78 -25.00 -0.98
C ASN A 135 -2.60 -24.47 -2.16
N ASP A 136 -3.53 -23.56 -1.89
CA ASP A 136 -4.38 -23.01 -2.93
C ASP A 136 -3.76 -21.75 -3.55
N TYR A 137 -2.79 -21.96 -4.42
CA TYR A 137 -2.19 -20.84 -5.17
C TYR A 137 -3.01 -20.50 -6.42
N ASP A 138 -2.57 -19.50 -7.19
CA ASP A 138 -3.30 -19.15 -8.42
C ASP A 138 -3.02 -20.14 -9.53
N ASP A 139 -4.06 -20.45 -10.30
CA ASP A 139 -3.94 -21.49 -11.31
C ASP A 139 -3.34 -20.96 -12.61
N THR A 140 -2.86 -21.87 -13.44
CA THR A 140 -2.50 -21.57 -14.82
C THR A 140 -3.77 -21.42 -15.64
N ILE A 141 -3.95 -20.26 -16.25
CA ILE A 141 -5.16 -19.95 -17.00
C ILE A 141 -4.80 -19.26 -18.30
N PRO A 142 -5.65 -19.32 -19.33
CA PRO A 142 -5.67 -18.32 -20.37
C PRO A 142 -6.55 -17.15 -19.90
N ILE A 143 -6.42 -16.02 -20.56
CA ILE A 143 -7.33 -14.91 -20.32
C ILE A 143 -8.25 -14.86 -21.54
N LEU A 144 -9.51 -15.21 -21.31
CA LEU A 144 -10.44 -15.42 -22.40
C LEU A 144 -11.54 -14.38 -22.44
N ASP A 145 -11.99 -13.96 -21.26
CA ASP A 145 -13.14 -13.08 -21.14
C ASP A 145 -12.83 -12.09 -20.03
N LYS A 148 -13.88 -4.14 -18.35
CA LYS A 148 -13.07 -3.09 -17.72
C LYS A 148 -12.67 -2.07 -18.76
N VAL A 149 -13.64 -1.25 -19.14
CA VAL A 149 -13.45 -0.23 -20.17
C VAL A 149 -13.99 1.07 -19.61
N THR A 150 -15.29 1.27 -19.79
CA THR A 150 -15.93 2.51 -19.40
C THR A 150 -16.20 2.60 -17.90
N ALA A 151 -16.27 1.47 -17.21
CA ALA A 151 -16.56 1.46 -15.79
C ALA A 151 -15.36 1.96 -14.99
N ASN A 152 -15.65 2.76 -13.98
CA ASN A 152 -14.62 3.19 -13.05
C ASN A 152 -14.55 2.19 -11.91
N ILE A 153 -13.41 1.54 -11.76
CA ILE A 153 -13.32 0.36 -10.88
C ILE A 153 -12.00 0.36 -10.14
N VAL A 154 -12.07 0.05 -8.85
CA VAL A 154 -10.89 -0.25 -8.03
C VAL A 154 -11.11 -1.61 -7.41
N PHE A 155 -10.25 -2.55 -7.76
CA PHE A 155 -10.40 -3.93 -7.30
C PHE A 155 -9.16 -4.28 -6.49
N GLY A 156 -9.37 -4.70 -5.26
CA GLY A 156 -8.27 -5.04 -4.38
C GLY A 156 -8.45 -6.44 -3.82
N TYR A 157 -7.38 -7.22 -3.80
CA TYR A 157 -7.47 -8.64 -3.49
C TYR A 157 -6.24 -9.03 -2.67
N ALA A 158 -6.46 -9.28 -1.39
CA ALA A 158 -5.40 -9.73 -0.50
C ALA A 158 -5.62 -11.20 -0.16
N THR A 159 -4.51 -11.93 -0.06
CA THR A 159 -4.51 -13.35 0.32
C THR A 159 -3.43 -13.64 1.36
N CYS A 160 -3.76 -14.52 2.32
CA CYS A 160 -2.73 -15.24 3.09
C CYS A 160 -3.01 -16.72 2.97
N GLN A 161 -1.93 -17.50 2.88
CA GLN A 161 -2.08 -18.95 2.78
C GLN A 161 -2.13 -19.56 4.18
N GLY A 162 -3.35 -19.84 4.61
CA GLY A 162 -3.59 -20.53 5.87
C GLY A 162 -4.05 -19.61 7.00
N ALA A 163 -4.86 -20.17 7.88
CA ALA A 163 -5.48 -19.37 8.94
C ALA A 163 -4.52 -18.83 9.97
N GLU A 164 -3.48 -19.61 10.27
CA GLU A 164 -2.34 -19.16 11.06
C GLU A 164 -1.76 -17.84 10.58
N ALA A 165 -1.32 -17.85 9.32
CA ALA A 165 -0.66 -16.67 8.75
C ALA A 165 -1.62 -15.50 8.53
N PHE A 166 -2.87 -15.85 8.21
CA PHE A 166 -3.94 -14.87 8.17
C PHE A 166 -4.11 -14.13 9.49
N GLU A 167 -4.29 -14.87 10.58
CA GLU A 167 -4.51 -14.21 11.86
C GLU A 167 -3.28 -13.48 12.38
N ILE A 168 -2.09 -14.00 12.10
CA ILE A 168 -0.84 -13.32 12.41
C ILE A 168 -0.72 -11.98 11.69
N GLN A 169 -0.92 -11.97 10.37
CA GLN A 169 -0.78 -10.73 9.62
C GLN A 169 -1.86 -9.70 9.95
N HIS A 170 -3.00 -10.21 10.40
CA HIS A 170 -4.09 -9.33 10.79
C HIS A 170 -4.08 -8.97 12.27
N SER A 171 -3.10 -9.44 13.05
CA SER A 171 -2.99 -9.04 14.47
C SER A 171 -2.74 -7.54 14.65
N GLY A 172 -3.32 -6.96 15.69
CA GLY A 172 -3.27 -5.50 15.90
C GLY A 172 -4.62 -4.86 15.65
N LEU A 173 -4.79 -3.66 16.19
CA LEU A 173 -5.92 -2.79 15.83
C LEU A 173 -5.43 -1.73 14.84
N ALA A 174 -6.38 -1.17 14.09
CA ALA A 174 -6.14 -0.02 13.21
C ALA A 174 -5.29 -0.25 11.95
N ASN A 175 -4.84 -1.49 11.77
CA ASN A 175 -3.77 -1.80 10.82
C ASN A 175 -4.24 -2.55 9.57
N GLY A 176 -5.51 -2.44 9.21
CA GLY A 176 -6.03 -3.18 8.07
C GLY A 176 -5.46 -2.70 6.75
N ILE A 177 -5.06 -3.64 5.89
CA ILE A 177 -4.43 -3.33 4.60
C ILE A 177 -5.26 -2.39 3.74
N PHE A 178 -6.56 -2.67 3.68
CA PHE A 178 -7.41 -1.89 2.81
C PHE A 178 -7.81 -0.57 3.44
N MET A 179 -7.92 -0.51 4.76
CA MET A 179 -8.08 0.76 5.44
C MET A 179 -6.90 1.71 5.22
N LYS A 180 -5.69 1.14 5.31
CA LYS A 180 -4.49 1.90 4.95
C LYS A 180 -4.47 2.32 3.48
N PHE A 181 -4.84 1.40 2.58
CA PHE A 181 -4.94 1.72 1.15
C PHE A 181 -5.95 2.84 0.86
N LEU A 182 -7.12 2.76 1.49
CA LEU A 182 -8.13 3.77 1.23
C LEU A 182 -7.71 5.13 1.75
N LYS A 183 -7.16 5.15 2.98
CA LYS A 183 -6.65 6.40 3.54
C LYS A 183 -5.52 7.02 2.75
N ASP A 184 -4.60 6.18 2.28
CA ASP A 184 -3.46 6.69 1.53
C ASP A 184 -3.79 7.05 0.10
N ARG A 185 -4.65 6.27 -0.57
CA ARG A 185 -4.77 6.38 -2.02
C ARG A 185 -6.09 6.97 -2.50
N LEU A 186 -7.09 7.06 -1.63
CA LEU A 186 -8.46 7.28 -2.11
C LEU A 186 -9.20 8.40 -1.37
N LEU A 187 -8.49 9.12 -0.53
CA LEU A 187 -9.04 10.21 0.28
C LEU A 187 -8.27 11.48 -0.08
N GLU A 188 -8.94 12.53 -0.56
CA GLU A 188 -8.25 13.80 -0.78
C GLU A 188 -8.12 14.56 0.54
N ASP A 189 -6.90 14.98 0.81
CA ASP A 189 -6.40 15.42 2.11
C ASP A 189 -7.28 16.34 2.96
N LYS A 190 -7.51 17.55 2.46
CA LYS A 190 -8.09 18.61 3.30
C LYS A 190 -9.61 18.72 3.14
N LYS A 191 -10.21 17.82 2.37
CA LYS A 191 -11.66 17.86 2.17
C LYS A 191 -12.46 17.35 3.37
N ILE A 192 -11.80 16.62 4.27
CA ILE A 192 -12.42 15.96 5.40
C ILE A 192 -11.54 16.10 6.64
N THR A 193 -12.19 16.06 7.78
CA THR A 193 -11.49 15.81 9.04
C THR A 193 -11.96 14.42 9.45
N VAL A 194 -11.04 13.46 9.41
CA VAL A 194 -11.31 12.12 9.89
C VAL A 194 -10.83 12.06 11.34
N LEU A 195 -11.51 11.26 12.15
CA LEU A 195 -11.06 10.99 13.51
C LEU A 195 -9.83 10.08 13.50
N LYS A 205 2.71 0.16 12.90
CA LYS A 205 3.01 -0.37 11.56
C LYS A 205 2.35 -1.73 11.38
N CYS A 206 2.03 -2.05 10.13
CA CYS A 206 1.65 -3.41 9.80
C CYS A 206 2.88 -4.09 9.21
N HIS A 207 3.71 -4.64 10.07
CA HIS A 207 4.91 -5.33 9.62
C HIS A 207 4.57 -6.53 8.73
N LEU A 208 5.42 -6.78 7.75
CA LEU A 208 5.30 -7.95 6.90
C LEU A 208 5.69 -9.18 7.70
N THR A 209 4.72 -10.05 7.93
CA THR A 209 4.92 -11.24 8.76
C THR A 209 5.26 -12.44 7.88
N LYS A 210 5.68 -13.52 8.56
CA LYS A 210 6.04 -14.75 7.87
C LYS A 210 4.87 -15.46 7.18
N GLY A 211 5.25 -16.37 6.30
CA GLY A 211 4.27 -17.11 5.54
C GLY A 211 4.28 -16.64 4.11
N LYS A 212 3.29 -17.13 3.38
CA LYS A 212 3.06 -16.70 2.02
C LYS A 212 1.84 -15.79 1.97
N GLN A 213 2.02 -14.66 1.30
CA GLN A 213 0.98 -13.65 1.16
C GLN A 213 1.02 -13.04 -0.23
N ALA A 214 -0.10 -12.44 -0.60
CA ALA A 214 -0.19 -11.64 -1.81
C ALA A 214 -1.16 -10.48 -1.66
N LEU A 215 -0.90 -9.44 -2.42
CA LEU A 215 -1.82 -8.32 -2.62
C LEU A 215 -1.82 -8.02 -4.10
N GLU A 216 -2.99 -7.98 -4.68
CA GLU A 216 -3.17 -7.37 -6.00
C GLU A 216 -4.12 -6.19 -5.87
N ILE A 217 -3.78 -5.10 -6.53
CA ILE A 217 -4.70 -3.96 -6.68
C ILE A 217 -4.77 -3.62 -8.16
N ARG A 218 -5.96 -3.45 -8.70
CA ARG A 218 -6.13 -3.06 -10.09
C ARG A 218 -7.14 -1.94 -10.19
N SER A 219 -6.88 -0.98 -11.06
CA SER A 219 -7.77 0.16 -11.22
C SER A 219 -7.92 0.54 -12.67
N SER A 220 -9.11 0.99 -13.02
CA SER A 220 -9.38 1.60 -14.30
C SER A 220 -10.29 2.78 -14.04
N LEU A 221 -9.78 3.97 -14.27
CA LEU A 221 -10.52 5.19 -13.98
C LEU A 221 -10.41 6.11 -15.17
N SER A 222 -11.55 6.57 -15.68
CA SER A 222 -11.50 7.58 -16.75
C SER A 222 -11.13 8.98 -16.28
N GLU A 223 -11.30 9.23 -14.99
CA GLU A 223 -10.92 10.48 -14.36
C GLU A 223 -10.65 10.21 -12.90
N LYS A 224 -9.92 11.11 -12.25
CA LYS A 224 -9.64 11.00 -10.82
C LYS A 224 -10.93 10.93 -10.01
N ARG A 225 -10.98 9.94 -9.13
CA ARG A 225 -12.12 9.70 -8.26
C ARG A 225 -11.58 9.44 -6.88
N ALA A 226 -12.34 9.85 -5.87
CA ALA A 226 -11.93 9.69 -4.49
C ALA A 226 -13.15 9.38 -3.65
N LEU A 227 -12.96 8.71 -2.52
CA LEU A 227 -14.06 8.48 -1.59
C LEU A 227 -14.57 9.75 -0.93
N THR A 228 -13.75 10.80 -0.94
CA THR A 228 -14.09 12.12 -0.42
C THR A 228 -14.83 13.01 -1.42
N ASP A 229 -15.11 12.52 -2.63
CA ASP A 229 -15.84 13.34 -3.61
C ASP A 229 -17.23 13.65 -3.11
N PRO A 230 -17.73 14.89 -3.23
CA PRO A 230 -19.00 15.23 -2.61
C PRO A 230 -20.19 14.54 -3.25
N ILE A 231 -21.18 14.28 -2.42
CA ILE A 231 -22.47 13.87 -2.94
C ILE A 231 -23.13 15.10 -3.56
N GLN A 232 -23.70 14.88 -4.73
CA GLN A 232 -24.50 15.90 -5.39
C GLN A 232 -25.81 16.03 -4.62
N GLY A 233 -25.97 17.16 -3.96
CA GLY A 233 -27.01 17.22 -2.95
C GLY A 233 -28.33 17.69 -3.51
N THR A 234 -29.38 17.02 -3.04
CA THR A 234 -30.75 17.27 -3.46
C THR A 234 -31.53 17.83 -2.28
N GLU A 235 -32.46 18.73 -2.56
CA GLU A 235 -33.40 19.19 -1.55
C GLU A 235 -34.74 18.48 -1.62
N TYR A 236 -35.09 17.96 -2.80
CA TYR A 236 -36.47 17.53 -3.03
C TYR A 236 -36.54 16.24 -3.84
N SER A 237 -35.57 15.35 -3.66
CA SER A 237 -35.54 14.13 -4.44
C SER A 237 -36.22 12.99 -3.70
N ALA A 238 -37.24 12.43 -4.34
CA ALA A 238 -37.88 11.23 -3.83
C ALA A 238 -36.97 10.02 -3.87
N GLU A 239 -36.10 9.94 -4.89
CA GLU A 239 -35.10 8.89 -4.92
C GLU A 239 -34.11 8.96 -3.75
N SER A 240 -33.63 10.16 -3.43
CA SER A 240 -32.76 10.31 -2.25
C SER A 240 -33.47 9.92 -0.97
N LEU A 241 -34.75 10.29 -0.90
CA LEU A 241 -35.55 9.92 0.26
C LEU A 241 -35.73 8.42 0.40
N VAL A 242 -36.09 7.74 -0.69
CA VAL A 242 -36.16 6.28 -0.70
C VAL A 242 -34.86 5.63 -0.23
N ARG A 243 -33.76 6.03 -0.86
CA ARG A 243 -32.45 5.49 -0.54
C ARG A 243 -32.07 5.63 0.93
N ASN A 244 -32.27 6.83 1.45
CA ASN A 244 -31.98 7.09 2.85
C ASN A 244 -32.90 6.33 3.80
N LEU A 245 -34.18 6.31 3.47
CA LEU A 245 -35.18 5.67 4.33
C LEU A 245 -35.08 4.15 4.34
N GLN A 246 -34.83 3.54 3.18
CA GLN A 246 -34.61 2.10 3.11
C GLN A 246 -33.45 1.64 3.98
N TRP A 247 -32.34 2.38 3.91
CA TRP A 247 -31.20 2.04 4.76
C TRP A 247 -31.49 2.33 6.23
N ALA A 248 -32.03 3.51 6.51
CA ALA A 248 -32.22 3.91 7.91
C ALA A 248 -33.19 3.03 8.69
N LYS A 249 -34.24 2.57 8.00
CA LYS A 249 -35.20 1.67 8.65
C LYS A 249 -34.71 0.23 8.82
N ALA A 250 -33.61 -0.12 8.18
CA ALA A 250 -32.90 -1.34 8.51
C ALA A 250 -31.90 -1.17 9.66
N HIS A 251 -31.87 0.00 10.29
CA HIS A 251 -30.88 0.30 11.33
C HIS A 251 -31.50 0.96 12.54
N GLU A 252 -32.75 0.61 12.84
CA GLU A 252 -33.41 1.13 14.03
C GLU A 252 -33.04 0.27 15.23
N LEU A 253 -32.63 0.94 16.29
CA LEU A 253 -32.56 0.32 17.60
C LEU A 253 -33.85 0.61 18.38
N PRO A 254 -34.26 -0.26 19.30
CA PRO A 254 -35.33 0.06 20.23
C PRO A 254 -34.83 1.08 21.24
N GLU A 255 -35.73 1.92 21.74
CA GLU A 255 -35.32 2.90 22.74
C GLU A 255 -35.02 2.24 24.08
N SER A 256 -34.23 2.92 24.89
CA SER A 256 -34.02 2.51 26.26
C SER A 256 -35.33 2.38 27.04
N MET A 257 -35.41 1.32 27.83
CA MET A 257 -36.61 0.98 28.56
C MET A 257 -36.31 1.12 30.03
N CYS A 258 -37.21 1.77 30.76
CA CYS A 258 -37.19 1.65 32.21
C CYS A 258 -38.25 0.62 32.57
N LEU A 259 -37.80 -0.50 33.10
CA LEU A 259 -38.70 -1.58 33.47
C LEU A 259 -38.97 -1.43 34.97
N LYS A 260 -40.23 -1.22 35.29
CA LYS A 260 -40.67 -1.03 36.67
C LYS A 260 -41.23 -2.38 37.13
N PHE A 261 -40.62 -2.97 38.14
CA PHE A 261 -41.12 -4.23 38.70
C PHE A 261 -42.09 -3.95 39.83
N ASP A 262 -42.98 -4.91 40.10
CA ASP A 262 -44.03 -4.84 41.13
C ASP A 262 -43.59 -4.37 42.51
N CYS A 263 -42.38 -4.74 42.90
CA CYS A 263 -41.88 -4.34 44.21
C CYS A 263 -41.37 -2.91 44.26
N GLY A 264 -41.20 -2.28 43.10
CA GLY A 264 -40.73 -0.91 43.05
C GLY A 264 -39.35 -0.76 42.47
N VAL A 265 -38.65 -1.88 42.25
CA VAL A 265 -37.33 -1.83 41.63
C VAL A 265 -37.47 -1.43 40.16
N GLN A 266 -36.60 -0.50 39.76
CA GLN A 266 -36.51 -0.09 38.38
C GLN A 266 -35.20 -0.57 37.80
N ILE A 267 -35.30 -1.31 36.71
CA ILE A 267 -34.14 -1.69 35.93
C ILE A 267 -34.21 -0.90 34.64
N GLN A 268 -33.11 -0.24 34.29
CA GLN A 268 -33.00 0.35 32.96
C GLN A 268 -32.35 -0.66 32.04
N LEU A 269 -32.91 -0.74 30.84
CA LEU A 269 -32.45 -1.64 29.80
C LEU A 269 -32.10 -0.76 28.60
N GLY A 270 -30.84 -0.80 28.19
CA GLY A 270 -30.36 0.00 27.07
C GLY A 270 -29.77 -0.84 25.95
N PHE A 271 -29.59 -0.19 24.80
CA PHE A 271 -29.32 -0.87 23.53
C PHE A 271 -28.25 -0.13 22.76
N ALA A 272 -27.38 -0.88 22.09
CA ALA A 272 -26.37 -0.30 21.22
C ALA A 272 -26.20 -1.14 19.98
N ALA A 273 -25.87 -0.50 18.85
CA ALA A 273 -25.58 -1.23 17.63
C ALA A 273 -24.08 -1.42 17.52
N GLU A 274 -23.65 -2.66 17.29
CA GLU A 274 -22.24 -2.93 17.01
C GLU A 274 -22.04 -3.20 15.52
N PHE A 275 -22.98 -3.93 14.93
CA PHE A 275 -23.02 -4.17 13.48
C PHE A 275 -24.47 -4.06 13.08
N SER A 276 -24.76 -4.12 11.78
CA SER A 276 -26.15 -4.18 11.32
C SER A 276 -26.90 -5.43 11.76
N ASN A 277 -26.15 -6.45 12.17
CA ASN A 277 -26.71 -7.70 12.67
C ASN A 277 -26.25 -8.07 14.07
N VAL A 278 -25.70 -7.10 14.79
CA VAL A 278 -25.23 -7.32 16.16
C VAL A 278 -25.65 -6.14 17.02
N MET A 279 -26.46 -6.42 18.03
CA MET A 279 -26.87 -5.43 19.01
C MET A 279 -26.30 -5.80 20.38
N ILE A 280 -25.81 -4.81 21.12
CA ILE A 280 -25.48 -5.02 22.53
C ILE A 280 -26.67 -4.55 23.34
N ILE A 281 -27.05 -5.31 24.35
CA ILE A 281 -28.03 -4.87 25.33
C ILE A 281 -27.37 -4.82 26.69
N TYR A 282 -27.85 -3.94 27.54
CA TYR A 282 -27.24 -3.74 28.84
C TYR A 282 -28.27 -3.38 29.89
N THR A 283 -28.05 -3.85 31.12
CA THR A 283 -29.00 -3.62 32.21
C THR A 283 -28.34 -2.98 33.42
N SER A 284 -29.07 -2.12 34.09
CA SER A 284 -28.63 -1.54 35.36
C SER A 284 -29.81 -1.28 36.28
N ILE A 285 -29.60 -1.41 37.58
CA ILE A 285 -30.63 -1.00 38.54
C ILE A 285 -30.57 0.52 38.64
N VAL A 286 -31.74 1.16 38.55
CA VAL A 286 -31.80 2.62 38.55
C VAL A 286 -32.70 3.19 39.63
N TYR A 287 -33.47 2.33 40.28
CA TYR A 287 -34.09 2.67 41.55
C TYR A 287 -34.27 1.38 42.31
N LYS A 288 -33.78 1.35 43.54
CA LYS A 288 -34.12 0.33 44.50
C LYS A 288 -34.90 1.05 45.62
N PRO A 289 -36.11 0.59 46.00
CA PRO A 289 -36.86 1.23 47.06
C PRO A 289 -36.28 0.94 48.44
N PRO A 290 -36.56 1.78 49.45
CA PRO A 290 -35.92 1.67 50.76
C PRO A 290 -36.24 0.42 51.57
N GLU A 291 -37.35 -0.23 51.23
CA GLU A 291 -37.71 -1.52 51.77
C GLU A 291 -36.75 -2.64 51.37
N ILE A 292 -36.05 -2.47 50.25
CA ILE A 292 -35.28 -3.54 49.63
C ILE A 292 -33.81 -3.21 49.83
N ILE A 293 -33.09 -4.18 50.39
CA ILE A 293 -31.68 -3.96 50.73
C ILE A 293 -30.75 -4.40 49.62
N MET A 294 -31.15 -5.44 48.90
CA MET A 294 -30.32 -6.06 47.88
C MET A 294 -31.20 -6.34 46.68
N CYS A 295 -30.64 -6.13 45.49
CA CYS A 295 -31.26 -6.68 44.29
C CYS A 295 -30.21 -6.88 43.21
N ASP A 296 -30.54 -7.75 42.26
CA ASP A 296 -29.74 -7.94 41.06
C ASP A 296 -30.68 -8.30 39.90
N ALA A 297 -30.22 -8.03 38.68
CA ALA A 297 -31.02 -8.31 37.49
C ALA A 297 -30.21 -8.94 36.38
N TYR A 298 -30.91 -9.67 35.52
CA TYR A 298 -30.26 -10.42 34.44
C TYR A 298 -31.25 -10.68 33.32
N VAL A 299 -30.72 -10.94 32.13
CA VAL A 299 -31.55 -11.23 30.96
C VAL A 299 -31.43 -12.70 30.58
N THR A 300 -32.54 -13.25 30.11
CA THR A 300 -32.62 -14.64 29.75
C THR A 300 -33.75 -14.84 28.74
N ASP A 301 -33.86 -16.06 28.21
CA ASP A 301 -35.01 -16.45 27.38
C ASP A 301 -34.98 -15.92 25.95
N PHE A 302 -33.79 -15.69 25.40
CA PHE A 302 -33.69 -15.16 24.04
C PHE A 302 -34.16 -16.17 22.98
N PRO A 303 -34.70 -15.70 21.82
CA PRO A 303 -35.12 -16.59 20.73
C PRO A 303 -34.01 -17.51 20.29
N LEU A 304 -34.38 -18.74 20.00
CA LEU A 304 -33.40 -19.80 19.76
C LEU A 304 -32.67 -19.60 18.44
N ASP A 305 -33.33 -18.91 17.52
CA ASP A 305 -32.72 -18.50 16.25
C ASP A 305 -31.48 -17.62 16.38
N LEU A 306 -31.39 -16.87 17.48
CA LEU A 306 -30.23 -16.00 17.67
C LEU A 306 -29.03 -16.73 18.26
N ASP A 307 -29.29 -17.87 18.89
CA ASP A 307 -28.22 -18.78 19.30
C ASP A 307 -27.34 -18.25 20.42
N ILE A 308 -27.97 -17.63 21.42
CA ILE A 308 -27.21 -16.95 22.45
C ILE A 308 -26.67 -17.98 23.45
N ASP A 309 -25.37 -17.93 23.68
CA ASP A 309 -24.77 -18.72 24.76
C ASP A 309 -24.86 -17.89 26.05
N PRO A 310 -25.49 -18.39 27.12
CA PRO A 310 -25.51 -17.70 28.41
C PRO A 310 -24.17 -17.34 29.02
N LYS A 311 -23.12 -18.06 28.66
CA LYS A 311 -21.77 -17.74 29.15
C LYS A 311 -21.19 -16.46 28.54
N ASP A 312 -21.79 -15.97 27.47
CA ASP A 312 -21.40 -14.71 26.84
C ASP A 312 -22.44 -13.62 27.10
N ALA A 313 -23.36 -13.90 28.01
CA ALA A 313 -24.41 -12.97 28.38
C ALA A 313 -24.21 -12.55 29.81
N ASN A 314 -24.77 -11.40 30.16
CA ASN A 314 -24.79 -10.93 31.54
C ASN A 314 -23.41 -10.62 32.12
N LYS A 315 -22.48 -10.24 31.24
CA LYS A 315 -21.10 -10.07 31.65
C LYS A 315 -20.88 -8.65 32.12
N GLY A 316 -19.86 -8.42 32.94
CA GLY A 316 -19.79 -7.12 33.61
C GLY A 316 -18.90 -6.09 32.93
N THR A 317 -18.36 -6.47 31.78
CA THR A 317 -17.78 -5.53 30.83
C THR A 317 -18.27 -5.97 29.44
N PRO A 318 -18.42 -5.05 28.47
CA PRO A 318 -18.80 -5.43 27.11
C PRO A 318 -17.74 -6.24 26.36
N GLU A 319 -16.48 -6.01 26.71
CA GLU A 319 -15.34 -6.76 26.19
C GLU A 319 -15.47 -8.27 26.39
N GLU A 320 -16.02 -8.64 27.54
CA GLU A 320 -16.23 -10.04 27.87
C GLU A 320 -17.33 -10.74 27.06
N THR A 321 -18.19 -9.98 26.39
CA THR A 321 -19.19 -10.60 25.52
C THR A 321 -18.63 -10.94 24.13
N GLY A 322 -17.42 -10.44 23.84
CA GLY A 322 -16.87 -10.61 22.50
C GLY A 322 -17.03 -9.38 21.64
N SER A 323 -17.52 -8.29 22.24
CA SER A 323 -17.78 -7.07 21.51
C SER A 323 -16.48 -6.36 21.13
N TYR A 324 -16.58 -5.61 20.03
CA TYR A 324 -15.62 -4.54 19.76
C TYR A 324 -15.72 -3.42 20.78
N LEU A 325 -16.93 -3.17 21.29
CA LEU A 325 -17.18 -1.99 22.10
C LEU A 325 -16.54 -2.16 23.45
N VAL A 326 -15.71 -1.18 23.80
CA VAL A 326 -14.97 -1.25 25.04
C VAL A 326 -15.77 -0.58 26.15
N SER A 327 -15.27 -0.70 27.36
CA SER A 327 -15.95 -0.14 28.54
C SER A 327 -16.13 1.38 28.53
N LYS A 328 -15.33 2.07 27.71
CA LYS A 328 -15.49 3.50 27.49
C LYS A 328 -16.62 3.84 26.51
N ASP A 329 -16.97 2.90 25.65
CA ASP A 329 -17.94 3.17 24.57
C ASP A 329 -19.39 3.03 25.00
N LEU A 330 -19.62 2.37 26.14
CA LEU A 330 -20.97 2.13 26.64
C LEU A 330 -21.12 2.70 28.04
N PRO A 331 -22.36 3.01 28.49
CA PRO A 331 -22.67 3.31 29.90
C PRO A 331 -22.08 2.33 30.88
N LYS A 332 -21.47 2.83 31.94
CA LYS A 332 -20.63 1.98 32.79
C LYS A 332 -21.42 1.41 33.96
N HIS A 333 -21.02 0.22 34.39
CA HIS A 333 -21.53 -0.42 35.60
C HIS A 333 -22.78 -1.26 35.39
N CYS A 334 -22.88 -1.82 34.19
CA CYS A 334 -24.04 -2.61 33.78
C CYS A 334 -23.63 -4.06 33.59
N LEU A 335 -24.63 -4.90 33.33
CA LEU A 335 -24.36 -6.22 32.77
C LEU A 335 -24.67 -6.16 31.29
N TYR A 336 -23.79 -6.67 30.46
CA TYR A 336 -23.85 -6.54 29.00
C TYR A 336 -24.10 -7.90 28.36
N THR A 337 -24.90 -7.91 27.30
CA THR A 337 -25.17 -9.12 26.52
C THR A 337 -25.12 -8.76 25.04
N ARG A 338 -24.47 -9.60 24.25
CA ARG A 338 -24.30 -9.33 22.82
C ARG A 338 -25.23 -10.24 22.04
N LEU A 339 -26.15 -9.65 21.31
CA LEU A 339 -27.11 -10.39 20.53
C LEU A 339 -26.69 -10.28 19.08
N SER A 340 -26.03 -11.33 18.63
CA SER A 340 -25.60 -11.45 17.24
C SER A 340 -26.60 -12.24 16.41
N SER A 341 -26.37 -12.29 15.10
CA SER A 341 -27.17 -13.14 14.23
C SER A 341 -28.60 -12.63 14.01
N LEU A 342 -28.80 -11.32 14.16
CA LEU A 342 -30.14 -10.72 14.10
C LEU A 342 -30.92 -10.96 12.83
N GLN A 343 -30.22 -11.19 11.73
CA GLN A 343 -30.85 -11.57 10.47
C GLN A 343 -31.60 -12.90 10.48
N LYS A 344 -31.37 -13.72 11.50
CA LYS A 344 -32.05 -15.01 11.61
C LYS A 344 -33.35 -14.92 12.39
N LEU A 345 -33.65 -13.76 12.98
CA LEU A 345 -34.87 -13.61 13.76
C LEU A 345 -36.12 -13.78 12.89
N LYS A 346 -37.00 -14.68 13.33
CA LYS A 346 -38.20 -14.97 12.56
C LYS A 346 -39.38 -14.09 12.97
N GLU A 347 -39.59 -13.99 14.29
CA GLU A 347 -40.74 -13.28 14.83
C GLU A 347 -40.26 -12.01 15.49
N HIS A 348 -40.54 -11.83 16.77
CA HIS A 348 -40.08 -10.67 17.49
C HIS A 348 -39.00 -11.10 18.44
N LEU A 349 -38.10 -10.17 18.76
CA LEU A 349 -37.12 -10.39 19.80
C LEU A 349 -37.81 -10.21 21.15
N VAL A 350 -38.33 -11.34 21.61
CA VAL A 350 -38.95 -11.46 22.91
C VAL A 350 -37.90 -12.06 23.84
N PHE A 351 -37.68 -11.45 24.98
CA PHE A 351 -36.80 -12.02 26.00
C PHE A 351 -37.34 -11.70 27.38
N THR A 352 -36.66 -12.18 28.41
CA THR A 352 -37.13 -12.05 29.77
C THR A 352 -36.06 -11.36 30.59
N VAL A 353 -36.48 -10.36 31.34
CA VAL A 353 -35.62 -9.72 32.31
C VAL A 353 -36.07 -10.23 33.68
N CYS A 354 -35.12 -10.80 34.41
CA CYS A 354 -35.36 -11.30 35.75
C CYS A 354 -34.79 -10.36 36.80
N LEU A 355 -35.48 -10.30 37.93
CA LEU A 355 -35.06 -9.55 39.10
C LEU A 355 -35.01 -10.52 40.27
N SER A 356 -33.91 -10.48 41.02
CA SER A 356 -33.82 -11.14 42.32
C SER A 356 -33.69 -10.06 43.37
N TYR A 357 -34.44 -10.15 44.47
CA TYR A 357 -34.36 -9.12 45.52
C TYR A 357 -34.53 -9.69 46.92
N GLN A 358 -34.02 -8.96 47.91
CA GLN A 358 -34.25 -9.27 49.32
C GLN A 358 -34.83 -8.06 50.01
N TYR A 359 -35.83 -8.29 50.85
CA TYR A 359 -36.35 -7.24 51.73
C TYR A 359 -35.37 -6.98 52.88
N SER A 360 -35.32 -5.74 53.31
CA SER A 360 -34.47 -5.26 54.41
C SER A 360 -34.38 -6.14 55.65
N GLY A 361 -33.24 -6.84 55.76
CA GLY A 361 -32.98 -7.63 56.95
C GLY A 361 -33.24 -9.12 56.78
N LEU A 362 -33.96 -9.48 55.72
CA LEU A 362 -34.39 -10.85 55.53
C LEU A 362 -33.44 -11.55 54.58
N GLU A 363 -33.28 -12.85 54.84
CA GLU A 363 -32.50 -13.74 53.98
C GLU A 363 -33.26 -14.14 52.71
N ASP A 364 -34.58 -13.99 52.78
CA ASP A 364 -35.47 -14.48 51.75
C ASP A 364 -35.31 -13.72 50.44
N THR A 365 -34.88 -14.47 49.44
CA THR A 365 -34.70 -13.92 48.10
C THR A 365 -36.02 -14.18 47.34
N VAL A 366 -36.59 -13.09 46.85
CA VAL A 366 -37.76 -13.13 45.99
C VAL A 366 -37.29 -13.00 44.55
N GLU A 367 -37.84 -13.86 43.69
CA GLU A 367 -37.58 -13.78 42.26
C GLU A 367 -38.81 -13.16 41.58
N ASP A 368 -38.54 -12.40 40.54
CA ASP A 368 -39.55 -11.84 39.67
C ASP A 368 -39.02 -11.72 38.25
N LYS A 369 -39.94 -11.60 37.30
CA LYS A 369 -39.54 -11.50 35.90
C LYS A 369 -40.58 -10.75 35.06
N GLN A 370 -40.09 -10.11 34.00
CA GLN A 370 -40.89 -9.42 33.01
C GLN A 370 -40.44 -9.85 31.63
N GLU A 371 -41.40 -10.09 30.76
CA GLU A 371 -41.10 -10.36 29.36
C GLU A 371 -41.07 -9.06 28.56
N VAL A 372 -39.97 -8.85 27.85
CA VAL A 372 -39.75 -7.70 27.00
C VAL A 372 -39.88 -8.14 25.55
N ASN A 373 -40.64 -7.40 24.77
CA ASN A 373 -40.64 -7.53 23.31
C ASN A 373 -40.01 -6.26 22.76
N VAL A 374 -39.00 -6.41 21.90
CA VAL A 374 -38.38 -5.25 21.23
C VAL A 374 -38.48 -5.30 19.71
N GLY A 375 -39.38 -6.15 19.21
CA GLY A 375 -39.70 -6.07 17.80
C GLY A 375 -38.65 -6.75 16.95
N LYS A 376 -38.30 -6.09 15.86
CA LYS A 376 -37.29 -6.58 14.95
C LYS A 376 -36.16 -5.55 14.83
N PRO A 377 -35.17 -5.54 15.73
CA PRO A 377 -34.11 -4.54 15.69
C PRO A 377 -33.13 -4.73 14.55
N LEU A 378 -32.66 -3.60 14.03
CA LEU A 378 -31.59 -3.58 13.03
C LEU A 378 -31.99 -4.34 11.77
N ILE A 379 -31.11 -5.17 11.20
CA ILE A 379 -31.40 -5.85 9.94
C ILE A 379 -32.55 -6.87 10.04
N ALA A 380 -32.91 -7.25 11.27
CA ALA A 380 -34.03 -8.15 11.50
C ALA A 380 -35.36 -7.61 10.98
N LYS A 381 -35.47 -6.29 10.90
CA LYS A 381 -36.60 -5.61 10.29
C LYS A 381 -36.93 -6.04 8.86
N LEU A 382 -35.92 -6.45 8.10
CA LEU A 382 -36.15 -6.92 6.72
C LEU A 382 -36.94 -8.21 6.66
N ASP A 383 -36.81 -9.02 7.70
CA ASP A 383 -37.58 -10.24 7.85
C ASP A 383 -37.37 -11.22 6.71
N MET A 384 -36.10 -11.42 6.38
CA MET A 384 -35.75 -12.03 5.11
C MET A 384 -35.28 -13.47 5.24
N HIS A 385 -35.40 -14.05 6.41
CA HIS A 385 -35.02 -15.46 6.62
C HIS A 385 -35.69 -16.47 5.69
N ARG A 386 -34.99 -17.57 5.43
CA ARG A 386 -35.62 -18.77 4.85
C ARG A 386 -36.78 -19.29 5.70
N ASP B 3 14.83 -15.70 18.10
CA ASP B 3 16.10 -14.94 18.03
C ASP B 3 16.00 -13.82 16.99
N GLN B 4 17.03 -12.99 16.94
CA GLN B 4 17.08 -11.92 15.97
C GLN B 4 17.55 -12.47 14.61
N PRO B 5 16.84 -12.19 13.51
CA PRO B 5 17.38 -12.43 12.17
C PRO B 5 18.45 -11.42 11.82
N LEU B 6 19.47 -11.89 11.12
CA LEU B 6 20.60 -11.05 10.77
C LEU B 6 20.88 -11.18 9.29
N ALA B 7 21.46 -10.12 8.74
CA ALA B 7 21.95 -10.14 7.37
C ALA B 7 23.46 -10.42 7.37
N LYS B 8 23.96 -11.13 6.36
CA LYS B 8 25.43 -11.19 6.21
C LYS B 8 25.98 -9.95 5.49
N ASP B 9 25.14 -9.38 4.62
CA ASP B 9 25.41 -8.11 3.97
C ASP B 9 24.09 -7.52 3.50
N LYS B 10 24.15 -6.29 3.06
CA LYS B 10 23.02 -5.57 2.51
C LYS B 10 23.47 -4.89 1.23
N VAL B 11 22.96 -5.38 0.09
CA VAL B 11 23.34 -4.83 -1.21
C VAL B 11 22.11 -4.43 -2.00
N ALA B 12 22.22 -3.37 -2.79
CA ALA B 12 21.09 -2.95 -3.60
C ALA B 12 21.55 -2.40 -4.94
N LEU B 13 20.75 -2.67 -5.97
CA LEU B 13 20.95 -2.06 -7.28
C LEU B 13 19.64 -1.40 -7.68
N LEU B 14 19.73 -0.16 -8.14
CA LEU B 14 18.55 0.58 -8.56
C LEU B 14 18.81 1.15 -9.94
N ILE B 15 17.89 0.89 -10.87
CA ILE B 15 18.03 1.35 -12.26
C ILE B 15 16.82 2.22 -12.63
N GLY B 16 17.09 3.38 -13.23
CA GLY B 16 16.03 4.27 -13.70
C GLY B 16 16.20 4.66 -15.15
N ASN B 17 15.27 4.30 -16.02
CA ASN B 17 15.44 4.55 -17.46
C ASN B 17 14.44 5.57 -17.96
N MET B 18 14.94 6.53 -18.73
CA MET B 18 14.20 7.72 -19.05
C MET B 18 14.36 8.15 -20.50
N ASN B 19 15.61 8.20 -20.92
CA ASN B 19 15.99 8.76 -22.22
C ASN B 19 15.96 7.67 -23.29
N TYR B 20 14.75 7.21 -23.54
CA TYR B 20 14.55 6.18 -24.54
C TYR B 20 14.74 6.73 -25.95
N ARG B 21 15.39 5.92 -26.76
CA ARG B 21 15.76 6.36 -28.09
C ARG B 21 14.63 6.18 -29.08
N GLU B 22 13.87 5.09 -28.95
CA GLU B 22 12.86 4.71 -29.94
C GLU B 22 11.47 4.51 -29.32
N HIS B 23 11.32 4.97 -28.08
CA HIS B 23 10.12 4.81 -27.29
C HIS B 23 9.86 6.13 -26.57
N PRO B 24 8.64 6.39 -26.04
CA PRO B 24 8.35 7.64 -25.33
C PRO B 24 9.27 7.85 -24.14
N LYS B 25 9.82 9.06 -24.02
CA LYS B 25 10.68 9.34 -22.89
C LYS B 25 9.90 9.45 -21.58
N LEU B 26 10.59 9.12 -20.49
CA LEU B 26 10.02 9.17 -19.14
C LEU B 26 10.83 10.12 -18.31
N LYS B 27 10.23 10.55 -17.20
CA LYS B 27 10.84 11.53 -16.30
C LYS B 27 10.86 11.03 -14.87
N ALA B 28 9.80 10.31 -14.50
CA ALA B 28 9.63 9.82 -13.14
C ALA B 28 10.75 9.02 -12.46
N PRO B 29 11.43 8.07 -13.11
CA PRO B 29 12.43 7.23 -12.47
C PRO B 29 13.51 7.95 -11.66
N LEU B 30 13.99 9.09 -12.18
CA LEU B 30 15.04 9.90 -11.55
C LEU B 30 14.86 10.15 -10.06
N VAL B 31 13.73 10.77 -9.75
CA VAL B 31 13.38 11.04 -8.36
C VAL B 31 13.21 9.79 -7.50
N ASP B 32 12.63 8.76 -8.09
CA ASP B 32 12.28 7.59 -7.28
C ASP B 32 13.49 6.74 -6.95
N VAL B 33 14.42 6.67 -7.90
CA VAL B 33 15.71 6.03 -7.66
C VAL B 33 16.50 6.81 -6.61
N TYR B 34 16.56 8.12 -6.75
CA TYR B 34 17.30 8.95 -5.79
C TYR B 34 16.80 8.77 -4.36
N GLU B 35 15.49 8.89 -4.22
CA GLU B 35 14.90 8.83 -2.89
C GLU B 35 14.96 7.45 -2.25
N LEU B 36 14.82 6.40 -3.06
CA LEU B 36 14.93 5.06 -2.49
C LEU B 36 16.38 4.70 -2.16
N THR B 37 17.32 5.14 -3.00
CA THR B 37 18.76 5.02 -2.72
C THR B 37 19.14 5.64 -1.37
N ASN B 38 18.60 6.84 -1.16
CA ASN B 38 18.82 7.57 0.07
C ASN B 38 18.22 6.88 1.29
N LEU B 39 17.05 6.28 1.14
CA LEU B 39 16.48 5.43 2.21
C LEU B 39 17.35 4.24 2.54
N LEU B 40 17.74 3.50 1.50
CA LEU B 40 18.49 2.27 1.69
C LEU B 40 19.90 2.52 2.23
N ARG B 41 20.52 3.63 1.85
CA ARG B 41 21.78 4.06 2.45
C ARG B 41 21.69 4.25 3.97
N GLN B 42 20.59 4.85 4.42
CA GLN B 42 20.39 5.07 5.85
C GLN B 42 20.07 3.79 6.63
N LEU B 43 19.74 2.74 5.91
CA LEU B 43 19.51 1.41 6.47
C LEU B 43 20.77 0.54 6.37
N ASP B 44 21.88 1.12 5.91
CA ASP B 44 23.17 0.44 5.87
C ASP B 44 23.37 -0.44 4.66
N PHE B 45 22.63 -0.18 3.59
CA PHE B 45 22.90 -0.84 2.33
C PHE B 45 24.05 -0.16 1.61
N LYS B 46 24.88 -0.96 0.97
CA LYS B 46 25.72 -0.47 -0.11
C LYS B 46 24.85 -0.41 -1.35
N VAL B 47 24.77 0.75 -1.98
CA VAL B 47 23.84 0.96 -3.08
C VAL B 47 24.60 1.31 -4.34
N VAL B 48 24.08 0.83 -5.46
CA VAL B 48 24.43 1.36 -6.77
C VAL B 48 23.15 1.91 -7.39
N SER B 49 23.23 3.13 -7.89
CA SER B 49 22.08 3.79 -8.50
C SER B 49 22.50 4.24 -9.88
N LEU B 50 21.78 3.79 -10.89
CA LEU B 50 22.19 4.02 -12.28
C LEU B 50 21.03 4.55 -13.07
N LEU B 51 21.28 5.58 -13.87
CA LEU B 51 20.25 6.09 -14.77
C LEU B 51 20.61 5.85 -16.22
N ASP B 52 19.61 5.51 -17.01
CA ASP B 52 19.68 5.53 -18.48
C ASP B 52 20.63 4.49 -19.05
N LEU B 53 20.33 3.24 -18.78
CA LEU B 53 21.22 2.16 -19.18
C LEU B 53 20.74 1.49 -20.45
N THR B 54 21.71 1.20 -21.32
CA THR B 54 21.50 0.36 -22.50
C THR B 54 21.38 -1.11 -22.12
N GLU B 55 21.07 -1.95 -23.11
CA GLU B 55 20.97 -3.38 -22.85
C GLU B 55 22.25 -3.98 -22.31
N TYR B 56 23.36 -3.61 -22.96
CA TYR B 56 24.66 -4.09 -22.52
C TYR B 56 25.00 -3.65 -21.10
N GLU B 57 24.73 -2.37 -20.85
CA GLU B 57 24.92 -1.79 -19.53
C GLU B 57 24.05 -2.43 -18.46
N MET B 58 22.77 -2.62 -18.76
CA MET B 58 21.84 -3.24 -17.82
C MET B 58 22.21 -4.68 -17.48
N ARG B 59 22.56 -5.45 -18.51
CA ARG B 59 22.92 -6.84 -18.25
C ARG B 59 24.19 -6.98 -17.42
N ASN B 60 25.19 -6.15 -17.69
CA ASN B 60 26.37 -6.13 -16.83
C ASN B 60 26.09 -5.73 -15.39
N ALA B 61 25.26 -4.69 -15.23
CA ALA B 61 24.88 -4.25 -13.89
C ALA B 61 24.11 -5.30 -13.09
N VAL B 62 23.09 -5.88 -13.73
CA VAL B 62 22.30 -6.94 -13.09
C VAL B 62 23.13 -8.19 -12.80
N ASP B 63 23.95 -8.62 -13.76
CA ASP B 63 24.77 -9.81 -13.54
C ASP B 63 25.77 -9.65 -12.40
N GLU B 64 26.42 -8.50 -12.35
CA GLU B 64 27.36 -8.25 -11.26
C GLU B 64 26.67 -8.02 -9.92
N PHE B 65 25.45 -7.51 -9.94
CA PHE B 65 24.59 -7.52 -8.73
C PHE B 65 24.29 -8.94 -8.26
N LEU B 66 23.92 -9.80 -9.21
CA LEU B 66 23.59 -11.18 -8.83
C LEU B 66 24.78 -11.96 -8.28
N LEU B 67 25.99 -11.62 -8.71
CA LEU B 67 27.18 -12.19 -8.09
C LEU B 67 27.37 -11.85 -6.61
N LEU B 68 26.83 -10.72 -6.16
CA LEU B 68 26.99 -10.34 -4.75
C LEU B 68 26.10 -11.12 -3.80
N LEU B 69 25.11 -11.82 -4.34
CA LEU B 69 24.08 -12.46 -3.54
C LEU B 69 24.58 -13.79 -3.02
N ASP B 70 25.37 -13.68 -1.96
CA ASP B 70 25.93 -14.83 -1.26
C ASP B 70 25.00 -15.28 -0.16
N LYS B 71 25.41 -16.36 0.52
CA LYS B 71 24.63 -16.92 1.60
C LYS B 71 24.33 -15.91 2.70
N GLY B 72 23.06 -15.70 2.99
CA GLY B 72 22.70 -14.82 4.10
C GLY B 72 22.63 -13.35 3.75
N VAL B 73 23.04 -12.98 2.54
CA VAL B 73 23.03 -11.59 2.10
C VAL B 73 21.60 -11.13 1.85
N TYR B 74 21.35 -9.87 2.14
CA TYR B 74 20.06 -9.26 1.83
C TYR B 74 20.27 -8.44 0.56
N GLY B 75 19.50 -8.76 -0.47
CA GLY B 75 19.65 -8.08 -1.75
C GLY B 75 18.36 -7.41 -2.19
N LEU B 76 18.48 -6.22 -2.74
CA LEU B 76 17.31 -5.51 -3.27
C LEU B 76 17.60 -5.07 -4.70
N LEU B 77 16.69 -5.36 -5.61
CA LEU B 77 16.79 -4.86 -6.98
C LEU B 77 15.58 -3.98 -7.26
N TYR B 78 15.80 -2.78 -7.79
CA TYR B 78 14.71 -1.88 -8.16
C TYR B 78 14.86 -1.49 -9.61
N TYR B 79 13.75 -1.52 -10.34
CA TYR B 79 13.72 -0.99 -11.70
C TYR B 79 12.54 -0.05 -11.90
N ALA B 80 12.81 1.08 -12.53
CA ALA B 80 11.76 1.95 -13.03
C ALA B 80 12.03 2.41 -14.44
N GLY B 81 10.98 2.41 -15.26
CA GLY B 81 11.16 2.67 -16.67
C GLY B 81 10.11 1.95 -17.49
N HIS B 82 10.35 1.77 -18.79
CA HIS B 82 9.40 1.02 -19.59
C HIS B 82 9.51 -0.46 -19.34
N GLY B 83 8.35 -1.08 -19.26
CA GLY B 83 8.28 -2.53 -19.29
C GLY B 83 7.31 -2.98 -20.34
N TYR B 84 7.29 -4.28 -20.60
CA TYR B 84 6.22 -4.86 -21.40
C TYR B 84 5.96 -6.29 -21.00
N GLU B 85 4.79 -6.78 -21.40
CA GLU B 85 4.38 -8.15 -21.10
C GLU B 85 4.17 -8.95 -22.37
N ASN B 86 4.40 -10.25 -22.33
CA ASN B 86 4.40 -11.08 -23.54
C ASN B 86 4.36 -12.56 -23.20
N PHE B 87 3.18 -13.16 -23.30
CA PHE B 87 3.05 -14.62 -23.32
C PHE B 87 3.40 -15.33 -22.02
N GLY B 88 3.16 -14.62 -20.93
CA GLY B 88 3.54 -15.15 -19.65
C GLY B 88 4.80 -14.55 -19.07
N ASN B 89 5.51 -13.75 -19.86
CA ASN B 89 6.73 -13.11 -19.38
C ASN B 89 6.63 -11.61 -19.41
N SER B 90 7.37 -11.01 -18.48
CA SER B 90 7.46 -9.58 -18.30
C SER B 90 8.91 -9.19 -18.50
N PHE B 91 9.09 -7.97 -19.01
CA PHE B 91 10.37 -7.53 -19.51
C PHE B 91 10.65 -6.10 -19.11
N MET B 92 11.91 -5.83 -18.82
CA MET B 92 12.40 -4.48 -18.54
C MET B 92 13.11 -3.98 -19.79
N VAL B 93 12.77 -2.79 -20.22
CA VAL B 93 13.23 -2.29 -21.51
C VAL B 93 14.43 -1.33 -21.31
N PRO B 94 15.61 -1.63 -21.86
CA PRO B 94 16.72 -0.69 -21.86
C PRO B 94 16.53 0.46 -22.86
N VAL B 95 17.25 1.55 -22.62
CA VAL B 95 16.99 2.79 -23.36
C VAL B 95 17.27 2.74 -24.86
N ASP B 96 18.10 1.80 -25.27
CA ASP B 96 18.45 1.60 -26.67
C ASP B 96 17.57 0.57 -27.35
N ALA B 97 16.55 0.04 -26.66
CA ALA B 97 15.67 -0.96 -27.24
C ALA B 97 15.00 -0.50 -28.53
N PRO B 98 15.03 -1.28 -29.61
CA PRO B 98 14.33 -0.91 -30.83
C PRO B 98 12.82 -0.96 -30.69
N ASN B 99 12.16 -0.29 -31.62
CA ASN B 99 10.71 -0.34 -31.72
C ASN B 99 10.38 -1.20 -32.93
N PRO B 100 9.50 -2.21 -32.83
CA PRO B 100 8.82 -2.67 -31.63
C PRO B 100 9.72 -3.48 -30.70
N TYR B 101 9.19 -3.74 -29.51
CA TYR B 101 9.92 -4.50 -28.51
C TYR B 101 10.24 -5.92 -28.92
N ARG B 102 11.40 -6.37 -28.46
CA ARG B 102 11.90 -7.71 -28.74
C ARG B 102 12.51 -8.28 -27.47
N SER B 103 12.17 -9.53 -27.18
CA SER B 103 12.71 -10.25 -26.03
C SER B 103 14.23 -10.32 -26.00
N GLU B 104 14.83 -10.47 -27.17
CA GLU B 104 16.28 -10.46 -27.31
C GLU B 104 16.94 -9.13 -26.94
N ASN B 105 16.19 -8.03 -27.00
CA ASN B 105 16.71 -6.71 -26.65
C ASN B 105 16.40 -6.28 -25.21
N CYS B 106 15.69 -7.09 -24.44
CA CYS B 106 15.19 -6.68 -23.13
C CYS B 106 15.57 -7.70 -22.07
N LEU B 107 15.49 -7.31 -20.81
CA LEU B 107 15.81 -8.23 -19.72
C LEU B 107 14.51 -8.80 -19.20
N CYS B 108 14.43 -10.11 -19.09
CA CYS B 108 13.21 -10.76 -18.64
C CYS B 108 13.17 -10.82 -17.13
N VAL B 109 12.03 -10.41 -16.57
CA VAL B 109 11.83 -10.36 -15.13
C VAL B 109 11.89 -11.74 -14.46
N GLN B 110 11.31 -12.74 -15.11
CA GLN B 110 11.21 -14.06 -14.49
C GLN B 110 12.55 -14.79 -14.41
N ASN B 111 13.45 -14.51 -15.36
CA ASN B 111 14.82 -15.00 -15.27
C ASN B 111 15.56 -14.46 -14.07
N ILE B 112 15.41 -13.16 -13.84
CA ILE B 112 16.07 -12.52 -12.72
C ILE B 112 15.50 -12.99 -11.40
N LEU B 113 14.18 -13.16 -11.37
CA LEU B 113 13.52 -13.68 -10.18
C LEU B 113 13.92 -15.13 -9.87
N LYS B 114 14.13 -15.93 -10.91
CA LYS B 114 14.64 -17.29 -10.74
C LYS B 114 16.10 -17.33 -10.28
N LEU B 115 16.94 -16.51 -10.89
CA LEU B 115 18.32 -16.35 -10.44
C LEU B 115 18.48 -15.80 -9.03
N MET B 116 17.61 -14.88 -8.61
CA MET B 116 17.68 -14.35 -7.24
C MET B 116 17.35 -15.39 -6.18
N GLN B 117 16.37 -16.22 -6.46
CA GLN B 117 15.91 -17.20 -5.47
C GLN B 117 16.72 -18.51 -5.49
N GLU B 118 17.61 -18.63 -6.45
CA GLU B 118 18.57 -19.73 -6.52
C GLU B 118 19.65 -19.62 -5.45
N LYS B 119 19.89 -18.39 -5.02
CA LYS B 119 20.87 -18.07 -4.02
C LYS B 119 20.36 -18.41 -2.62
N GLU B 120 21.30 -18.64 -1.70
CA GLU B 120 20.96 -18.87 -0.31
C GLU B 120 20.92 -17.56 0.49
N THR B 121 20.44 -16.51 -0.14
CA THR B 121 20.24 -15.21 0.50
C THR B 121 19.33 -15.26 1.74
N GLY B 122 19.39 -14.20 2.53
CA GLY B 122 18.53 -14.16 3.70
C GLY B 122 17.24 -13.42 3.44
N LEU B 123 17.26 -12.54 2.44
CA LEU B 123 16.11 -11.79 1.98
C LEU B 123 16.43 -11.30 0.58
N ASN B 124 15.55 -11.57 -0.36
CA ASN B 124 15.61 -10.93 -1.68
C ASN B 124 14.43 -9.98 -1.76
N VAL B 125 14.65 -8.82 -2.35
CA VAL B 125 13.57 -7.90 -2.66
C VAL B 125 13.71 -7.54 -4.13
N PHE B 126 12.64 -7.65 -4.92
CA PHE B 126 12.72 -7.31 -6.34
C PHE B 126 11.49 -6.48 -6.68
N LEU B 127 11.72 -5.22 -7.03
CA LEU B 127 10.65 -4.24 -7.15
C LEU B 127 10.70 -3.65 -8.54
N LEU B 128 9.58 -3.65 -9.25
CA LEU B 128 9.50 -3.08 -10.59
C LEU B 128 8.36 -2.09 -10.67
N ASP B 129 8.65 -0.89 -11.17
CA ASP B 129 7.65 0.15 -11.30
C ASP B 129 7.64 0.60 -12.75
N MET B 130 6.62 0.19 -13.51
CA MET B 130 6.78 0.24 -14.96
C MET B 130 5.70 1.00 -15.69
N CYS B 131 6.14 1.64 -16.77
CA CYS B 131 5.21 2.12 -17.77
C CYS B 131 5.03 1.00 -18.77
N ARG B 132 3.79 0.62 -19.04
CA ARG B 132 3.50 -0.20 -20.22
C ARG B 132 2.89 0.69 -21.27
N LYS B 133 3.41 0.66 -22.49
CA LYS B 133 2.74 1.32 -23.60
C LYS B 133 1.30 0.82 -23.81
N ARG B 134 0.45 1.68 -24.35
CA ARG B 134 -0.94 1.32 -24.60
C ARG B 134 -1.10 0.26 -25.70
N ASN B 135 -0.15 0.23 -26.64
CA ASN B 135 -0.14 -0.81 -27.68
C ASN B 135 0.22 -2.21 -27.17
N ASP B 136 0.77 -2.24 -25.96
CA ASP B 136 1.05 -3.49 -25.27
C ASP B 136 -0.21 -3.99 -24.57
N TYR B 137 -1.20 -4.37 -25.37
CA TYR B 137 -2.41 -5.07 -24.93
C TYR B 137 -2.09 -6.34 -24.12
N ASP B 138 -3.01 -6.78 -23.26
CA ASP B 138 -2.78 -8.03 -22.55
C ASP B 138 -3.07 -9.22 -23.45
N ASP B 139 -2.04 -10.05 -23.61
CA ASP B 139 -2.20 -11.30 -24.35
C ASP B 139 -3.01 -12.27 -23.51
N THR B 140 -3.50 -13.28 -24.19
CA THR B 140 -4.36 -14.29 -23.60
C THR B 140 -3.69 -15.25 -22.60
N ILE B 141 -2.56 -14.84 -22.00
CA ILE B 141 -1.83 -15.59 -20.98
C ILE B 141 -1.43 -14.61 -19.88
N PRO B 142 -1.64 -14.89 -18.58
CA PRO B 142 -1.17 -14.06 -17.48
C PRO B 142 0.29 -14.34 -17.13
N ILE B 143 0.88 -13.44 -16.35
CA ILE B 143 2.26 -13.64 -15.90
C ILE B 143 2.30 -14.61 -14.72
N LEU B 144 3.00 -15.71 -14.93
CA LEU B 144 3.14 -16.77 -13.94
C LEU B 144 4.58 -16.74 -13.43
N ASP B 145 4.77 -16.27 -12.20
CA ASP B 145 6.12 -16.14 -11.62
C ASP B 145 6.51 -17.32 -10.75
N ALA B 146 5.51 -17.91 -10.11
CA ALA B 146 5.67 -19.04 -9.19
C ALA B 146 6.07 -18.63 -7.79
N LEU B 147 7.36 -18.31 -7.64
CA LEU B 147 8.02 -18.11 -6.34
C LEU B 147 8.42 -19.44 -5.70
N LYS B 148 9.64 -19.47 -5.18
CA LYS B 148 10.18 -20.68 -4.59
C LYS B 148 9.80 -20.75 -3.12
N VAL B 149 9.56 -21.97 -2.68
CA VAL B 149 9.10 -22.23 -1.31
C VAL B 149 10.25 -22.09 -0.31
N THR B 150 11.44 -22.40 -0.80
CA THR B 150 12.68 -22.33 -0.03
C THR B 150 13.33 -20.94 -0.01
N ALA B 151 12.67 -19.94 -0.60
CA ALA B 151 13.25 -18.60 -0.71
C ALA B 151 12.53 -17.64 0.21
N ASN B 152 13.31 -16.74 0.80
CA ASN B 152 12.77 -15.52 1.40
C ASN B 152 12.77 -14.44 0.32
N ILE B 153 11.59 -14.04 -0.10
CA ILE B 153 11.42 -13.23 -1.30
C ILE B 153 10.27 -12.26 -1.10
N VAL B 154 10.50 -11.01 -1.49
CA VAL B 154 9.44 -10.00 -1.60
C VAL B 154 9.49 -9.49 -3.03
N PHE B 155 8.40 -9.68 -3.74
CA PHE B 155 8.33 -9.34 -5.16
C PHE B 155 7.27 -8.29 -5.33
N GLY B 156 7.63 -7.15 -5.90
CA GLY B 156 6.70 -6.07 -6.11
C GLY B 156 6.69 -5.66 -7.55
N TYR B 157 5.49 -5.44 -8.09
CA TYR B 157 5.35 -5.22 -9.52
C TYR B 157 4.20 -4.25 -9.75
N ALA B 158 4.49 -3.07 -10.27
CA ALA B 158 3.48 -2.05 -10.52
C ALA B 158 3.50 -1.64 -11.97
N THR B 159 2.32 -1.36 -12.54
CA THR B 159 2.20 -0.92 -13.92
C THR B 159 1.20 0.22 -14.08
N CYS B 160 1.53 1.17 -14.96
CA CYS B 160 0.57 2.13 -15.47
C CYS B 160 0.62 2.04 -16.97
N GLN B 161 -0.56 2.11 -17.58
CA GLN B 161 -0.67 2.04 -19.02
C GLN B 161 -0.49 3.43 -19.62
N GLY B 162 0.63 3.62 -20.29
CA GLY B 162 0.91 4.82 -21.05
C GLY B 162 1.67 5.86 -20.25
N ALA B 163 2.54 6.58 -20.95
CA ALA B 163 3.46 7.51 -20.29
C ALA B 163 2.78 8.68 -19.61
N GLU B 164 1.70 9.16 -20.21
CA GLU B 164 0.90 10.23 -19.63
C GLU B 164 0.39 9.92 -18.22
N ALA B 165 -0.29 8.79 -18.11
CA ALA B 165 -0.80 8.33 -16.82
C ALA B 165 0.29 7.95 -15.84
N PHE B 166 1.36 7.36 -16.36
CA PHE B 166 2.54 7.04 -15.56
C PHE B 166 3.14 8.29 -14.91
N GLU B 167 3.36 9.35 -15.70
CA GLU B 167 3.95 10.54 -15.14
C GLU B 167 3.03 11.24 -14.13
N ILE B 168 1.74 11.27 -14.43
CA ILE B 168 0.74 11.80 -13.49
C ILE B 168 0.73 11.06 -12.16
N GLN B 169 0.73 9.74 -12.21
CA GLN B 169 0.72 8.95 -10.98
C GLN B 169 2.00 9.09 -10.15
N HIS B 170 3.07 9.50 -10.80
CA HIS B 170 4.36 9.66 -10.15
C HIS B 170 4.67 11.12 -9.84
N SER B 171 3.74 12.04 -10.03
CA SER B 171 3.98 13.47 -9.75
C SER B 171 3.97 13.77 -8.25
N GLY B 172 4.83 14.69 -7.81
CA GLY B 172 5.00 14.97 -6.38
C GLY B 172 6.29 14.35 -5.87
N LEU B 173 7.00 15.00 -4.95
CA LEU B 173 8.19 14.36 -4.37
C LEU B 173 7.78 13.42 -3.23
N ALA B 174 8.65 12.45 -2.93
CA ALA B 174 8.50 11.67 -1.70
C ALA B 174 7.37 10.64 -1.65
N ASN B 175 6.81 10.32 -2.82
CA ASN B 175 5.53 9.61 -2.87
C ASN B 175 5.60 8.31 -3.66
N GLY B 176 6.74 7.63 -3.61
CA GLY B 176 6.87 6.39 -4.35
C GLY B 176 6.21 5.24 -3.64
N ILE B 177 5.46 4.46 -4.43
CA ILE B 177 4.65 3.37 -3.89
C ILE B 177 5.46 2.33 -3.10
N PHE B 178 6.61 1.99 -3.67
CA PHE B 178 7.44 0.96 -3.07
C PHE B 178 8.22 1.49 -1.89
N MET B 179 8.70 2.73 -1.98
CA MET B 179 9.28 3.39 -0.81
C MET B 179 8.30 3.47 0.37
N LYS B 180 7.05 3.82 0.08
CA LYS B 180 5.99 3.78 1.08
C LYS B 180 5.76 2.38 1.65
N PHE B 181 5.68 1.39 0.76
CA PHE B 181 5.57 -0.01 1.16
C PHE B 181 6.70 -0.48 2.08
N LEU B 182 7.93 -0.16 1.70
CA LEU B 182 9.09 -0.58 2.46
C LEU B 182 9.11 0.05 3.85
N LYS B 183 8.84 1.35 3.89
CA LYS B 183 8.71 2.07 5.15
C LYS B 183 7.59 1.57 6.06
N ASP B 184 6.45 1.19 5.48
CA ASP B 184 5.32 0.72 6.29
C ASP B 184 5.45 -0.73 6.71
N ARG B 185 5.98 -1.56 5.81
CA ARG B 185 5.88 -3.02 5.97
C ARG B 185 7.21 -3.71 6.23
N LEU B 186 8.34 -3.06 5.96
CA LEU B 186 9.64 -3.75 5.97
C LEU B 186 10.72 -3.08 6.82
N LEU B 187 10.35 -2.05 7.56
CA LEU B 187 11.25 -1.39 8.48
C LEU B 187 10.68 -1.56 9.88
N GLU B 188 11.52 -2.00 10.82
CA GLU B 188 11.12 -1.99 12.22
C GLU B 188 11.59 -0.70 12.85
N ASP B 189 10.62 0.01 13.42
CA ASP B 189 10.79 1.27 14.12
C ASP B 189 11.54 1.20 15.45
N LYS B 190 12.07 0.03 15.82
CA LYS B 190 13.06 -0.08 16.89
C LYS B 190 14.42 0.54 16.54
N LYS B 191 14.67 0.68 15.25
CA LYS B 191 15.86 1.32 14.72
C LYS B 191 15.46 2.69 14.19
N LYS B 205 0.37 12.66 0.37
CA LYS B 205 0.16 11.23 0.08
C LYS B 205 -0.07 11.00 -1.41
N CYS B 206 0.12 9.76 -1.84
CA CYS B 206 0.01 9.46 -3.25
C CYS B 206 -1.43 9.11 -3.59
N HIS B 207 -2.14 10.07 -4.16
CA HIS B 207 -3.50 9.81 -4.64
C HIS B 207 -3.50 8.85 -5.83
N LEU B 208 -4.53 8.02 -5.92
CA LEU B 208 -4.75 7.22 -7.12
C LEU B 208 -5.30 8.12 -8.22
N THR B 209 -4.66 8.07 -9.37
CA THR B 209 -4.98 8.94 -10.49
C THR B 209 -5.59 8.14 -11.65
N LYS B 210 -5.95 8.87 -12.71
CA LYS B 210 -6.58 8.29 -13.89
C LYS B 210 -5.77 7.19 -14.57
N GLY B 211 -6.47 6.42 -15.39
CA GLY B 211 -5.81 5.47 -16.26
C GLY B 211 -6.03 4.06 -15.80
N LYS B 212 -5.35 3.15 -16.48
CA LYS B 212 -5.34 1.75 -16.07
C LYS B 212 -4.04 1.46 -15.33
N GLN B 213 -4.18 0.92 -14.14
CA GLN B 213 -3.05 0.67 -13.25
C GLN B 213 -3.19 -0.67 -12.58
N ALA B 214 -2.05 -1.25 -12.24
CA ALA B 214 -2.04 -2.48 -11.46
C ALA B 214 -0.86 -2.50 -10.51
N LEU B 215 -1.04 -3.15 -9.38
CA LEU B 215 -0.02 -3.39 -8.40
C LEU B 215 -0.13 -4.84 -7.98
N GLU B 216 0.99 -5.52 -7.92
CA GLU B 216 1.09 -6.85 -7.36
C GLU B 216 2.26 -6.90 -6.38
N ILE B 217 1.99 -7.31 -5.16
CA ILE B 217 3.04 -7.53 -4.17
C ILE B 217 2.85 -8.93 -3.63
N ARG B 218 3.92 -9.73 -3.69
CA ARG B 218 3.89 -11.09 -3.17
C ARG B 218 5.06 -11.29 -2.23
N SER B 219 4.83 -12.09 -1.20
CA SER B 219 5.88 -12.40 -0.24
C SER B 219 5.87 -13.87 0.13
N SER B 220 7.06 -14.40 0.32
CA SER B 220 7.26 -15.71 0.89
C SER B 220 8.39 -15.55 1.89
N LEU B 221 8.07 -15.74 3.16
CA LEU B 221 9.05 -15.59 4.22
C LEU B 221 8.95 -16.78 5.15
N SER B 222 10.04 -17.49 5.35
CA SER B 222 10.05 -18.55 6.37
C SER B 222 10.11 -18.03 7.80
N GLU B 223 10.58 -16.80 7.96
CA GLU B 223 10.62 -16.09 9.23
C GLU B 223 10.54 -14.61 8.95
N LYS B 224 10.23 -13.83 9.97
CA LYS B 224 10.15 -12.37 9.84
C LYS B 224 11.50 -11.75 9.46
N ARG B 225 11.51 -10.96 8.40
CA ARG B 225 12.72 -10.32 7.88
C ARG B 225 12.41 -8.86 7.66
N ALA B 226 13.41 -8.01 7.82
CA ALA B 226 13.21 -6.57 7.67
C ALA B 226 14.47 -5.96 7.10
N LEU B 227 14.35 -4.80 6.49
CA LEU B 227 15.54 -4.14 5.95
C LEU B 227 16.41 -3.52 7.04
N THR B 228 15.86 -3.44 8.24
CA THR B 228 16.52 -2.92 9.42
C THR B 228 17.30 -3.98 10.21
N ASP B 229 17.26 -5.25 9.78
CA ASP B 229 17.97 -6.32 10.48
C ASP B 229 19.49 -6.09 10.49
N PRO B 230 20.19 -6.21 11.63
CA PRO B 230 21.61 -5.92 11.68
C PRO B 230 22.48 -6.86 10.87
N ILE B 231 23.63 -6.32 10.45
CA ILE B 231 24.62 -7.12 9.77
C ILE B 231 25.39 -7.95 10.81
N GLN B 232 25.40 -9.25 10.55
CA GLN B 232 26.27 -10.17 11.23
C GLN B 232 27.68 -10.00 10.67
N GLY B 233 28.53 -9.34 11.43
CA GLY B 233 29.81 -8.89 10.88
C GLY B 233 30.93 -9.81 11.26
N THR B 234 30.74 -11.09 10.96
CA THR B 234 31.69 -12.13 11.32
C THR B 234 32.12 -12.90 10.07
N GLU B 235 31.33 -13.89 9.71
CA GLU B 235 31.82 -14.97 8.86
C GLU B 235 31.99 -14.59 7.40
N TYR B 236 32.89 -15.32 6.75
CA TYR B 236 33.10 -15.26 5.30
C TYR B 236 33.91 -14.03 4.91
N SER B 237 35.13 -13.99 5.42
CA SER B 237 35.95 -12.78 5.41
C SER B 237 36.36 -12.31 4.02
N ALA B 238 36.81 -13.23 3.17
CA ALA B 238 37.20 -12.87 1.81
C ALA B 238 36.04 -12.39 0.95
N GLU B 239 34.87 -12.97 1.19
CA GLU B 239 33.64 -12.53 0.56
C GLU B 239 33.24 -11.11 0.95
N SER B 240 33.23 -10.85 2.26
CA SER B 240 32.90 -9.53 2.78
C SER B 240 33.83 -8.45 2.28
N LEU B 241 35.13 -8.74 2.38
CA LEU B 241 36.19 -7.91 1.87
C LEU B 241 36.02 -7.50 0.42
N VAL B 242 35.80 -8.51 -0.42
CA VAL B 242 35.62 -8.26 -1.84
C VAL B 242 34.35 -7.47 -2.16
N ARG B 243 33.23 -7.77 -1.49
CA ARG B 243 32.01 -6.97 -1.70
C ARG B 243 32.20 -5.50 -1.35
N ASN B 244 32.81 -5.25 -0.18
CA ASN B 244 33.09 -3.89 0.25
C ASN B 244 34.05 -3.13 -0.64
N LEU B 245 35.14 -3.80 -1.01
CA LEU B 245 36.15 -3.16 -1.85
C LEU B 245 35.65 -2.89 -3.25
N GLN B 246 34.94 -3.85 -3.85
CA GLN B 246 34.41 -3.66 -5.21
C GLN B 246 33.43 -2.51 -5.32
N TRP B 247 32.59 -2.40 -4.29
CA TRP B 247 31.63 -1.33 -4.27
C TRP B 247 32.30 0.02 -4.02
N ALA B 248 33.25 0.04 -3.09
CA ALA B 248 33.90 1.30 -2.75
C ALA B 248 34.77 1.86 -3.87
N LYS B 249 35.36 0.96 -4.65
CA LYS B 249 36.14 1.36 -5.81
C LYS B 249 35.31 1.94 -6.94
N ALA B 250 34.01 1.63 -6.95
CA ALA B 250 33.11 2.23 -7.93
C ALA B 250 32.47 3.53 -7.41
N HIS B 251 32.92 4.05 -6.26
CA HIS B 251 32.26 5.22 -5.68
C HIS B 251 33.19 6.33 -5.23
N GLU B 252 34.32 6.47 -5.94
CA GLU B 252 35.21 7.57 -5.61
C GLU B 252 34.86 8.81 -6.43
N LEU B 253 34.67 9.91 -5.72
CA LEU B 253 34.67 11.22 -6.37
C LEU B 253 36.07 11.81 -6.33
N PRO B 254 36.39 12.74 -7.25
CA PRO B 254 37.55 13.61 -7.10
C PRO B 254 37.30 14.64 -6.00
N GLU B 255 38.38 15.03 -5.32
CA GLU B 255 38.22 16.03 -4.27
C GLU B 255 38.29 17.42 -4.84
N SER B 256 37.56 18.31 -4.17
CA SER B 256 37.50 19.73 -4.48
C SER B 256 38.87 20.38 -4.63
N MET B 257 39.04 21.06 -5.76
CA MET B 257 40.28 21.73 -6.11
C MET B 257 40.07 23.22 -5.96
N CYS B 258 41.15 23.91 -5.65
CA CYS B 258 41.20 25.35 -5.88
C CYS B 258 42.29 25.55 -6.91
N LEU B 259 41.91 26.04 -8.09
CA LEU B 259 42.84 26.26 -9.18
C LEU B 259 43.32 27.71 -9.14
N LYS B 260 44.64 27.89 -9.24
CA LYS B 260 45.22 29.23 -9.24
C LYS B 260 45.52 29.64 -10.67
N PHE B 261 44.84 30.68 -11.14
CA PHE B 261 45.17 31.26 -12.43
C PHE B 261 46.26 32.30 -12.25
N ASP B 262 47.15 32.39 -13.24
CA ASP B 262 48.41 33.14 -13.10
C ASP B 262 48.29 34.63 -12.82
N CYS B 263 47.13 35.18 -13.13
CA CYS B 263 46.84 36.57 -12.81
C CYS B 263 46.42 36.79 -11.36
N GLY B 264 46.23 35.71 -10.60
CA GLY B 264 45.93 35.79 -9.18
C GLY B 264 44.55 35.30 -8.79
N VAL B 265 43.72 34.95 -9.78
CA VAL B 265 42.36 34.49 -9.49
C VAL B 265 42.37 33.03 -9.02
N GLN B 266 41.58 32.78 -7.99
CA GLN B 266 41.41 31.43 -7.46
C GLN B 266 40.03 30.90 -7.84
N ILE B 267 40.01 29.83 -8.64
CA ILE B 267 38.76 29.19 -8.98
C ILE B 267 38.60 27.92 -8.15
N GLN B 268 37.54 27.90 -7.37
CA GLN B 268 37.14 26.74 -6.58
C GLN B 268 36.30 25.82 -7.45
N LEU B 269 36.63 24.54 -7.41
CA LEU B 269 36.04 23.51 -8.25
C LEU B 269 35.56 22.39 -7.34
N GLY B 270 34.25 22.19 -7.26
CA GLY B 270 33.65 21.21 -6.36
C GLY B 270 32.93 20.10 -7.09
N PHE B 271 32.74 18.98 -6.38
CA PHE B 271 32.26 17.73 -6.97
C PHE B 271 31.22 17.10 -6.06
N ALA B 272 30.15 16.55 -6.63
CA ALA B 272 29.10 15.86 -5.88
C ALA B 272 28.60 14.66 -6.68
N ALA B 273 28.37 13.53 -6.02
CA ALA B 273 27.76 12.39 -6.69
C ALA B 273 26.26 12.48 -6.54
N GLU B 274 25.56 12.39 -7.66
CA GLU B 274 24.10 12.42 -7.64
C GLU B 274 23.55 11.01 -7.81
N PHE B 275 24.18 10.24 -8.68
CA PHE B 275 23.94 8.81 -8.86
C PHE B 275 25.30 8.16 -9.05
N SER B 276 25.36 6.84 -9.10
CA SER B 276 26.64 6.16 -9.39
C SER B 276 27.17 6.41 -10.81
N ASN B 277 26.32 6.94 -11.68
CA ASN B 277 26.73 7.31 -13.04
C ASN B 277 26.49 8.77 -13.36
N VAL B 278 26.28 9.59 -12.32
CA VAL B 278 26.02 11.02 -12.50
C VAL B 278 26.78 11.81 -11.46
N MET B 279 27.59 12.75 -11.94
CA MET B 279 28.36 13.64 -11.07
C MET B 279 27.98 15.07 -11.39
N ILE B 280 27.75 15.87 -10.35
CA ILE B 280 27.62 17.31 -10.52
C ILE B 280 28.97 17.92 -10.21
N ILE B 281 29.39 18.85 -11.08
CA ILE B 281 30.60 19.63 -10.86
C ILE B 281 30.21 21.09 -10.78
N TYR B 282 30.92 21.86 -9.96
CA TYR B 282 30.53 23.25 -9.73
C TYR B 282 31.74 24.17 -9.53
N THR B 283 31.66 25.38 -10.08
CA THR B 283 32.77 26.35 -10.02
C THR B 283 32.38 27.61 -9.27
N SER B 284 33.36 28.25 -8.63
CA SER B 284 33.20 29.60 -8.11
C SER B 284 34.54 30.31 -8.05
N ILE B 285 34.52 31.63 -8.08
CA ILE B 285 35.74 32.39 -7.80
C ILE B 285 35.78 32.60 -6.29
N VAL B 286 36.87 32.17 -5.67
CA VAL B 286 37.01 32.32 -4.23
C VAL B 286 38.00 33.42 -3.83
N TYR B 287 38.74 33.94 -4.79
CA TYR B 287 39.58 35.11 -4.56
C TYR B 287 39.79 35.83 -5.88
N LYS B 288 39.53 37.13 -5.86
CA LYS B 288 39.94 38.03 -6.93
C LYS B 288 41.05 38.92 -6.35
N PRO B 289 42.17 39.11 -7.05
CA PRO B 289 43.21 40.05 -6.63
C PRO B 289 42.78 41.49 -6.89
N PRO B 290 43.42 42.48 -6.25
CA PRO B 290 43.00 43.88 -6.41
C PRO B 290 43.32 44.50 -7.76
N GLU B 291 44.28 43.92 -8.48
CA GLU B 291 44.61 44.38 -9.82
C GLU B 291 43.54 44.02 -10.85
N ILE B 292 42.70 43.03 -10.54
CA ILE B 292 41.63 42.63 -11.43
C ILE B 292 40.36 43.29 -10.94
N ILE B 293 39.58 43.80 -11.88
CA ILE B 293 38.32 44.44 -11.52
C ILE B 293 37.15 43.47 -11.69
N MET B 294 37.20 42.65 -12.75
CA MET B 294 36.08 41.78 -13.10
C MET B 294 36.62 40.42 -13.48
N CYS B 295 35.87 39.36 -13.15
CA CYS B 295 36.22 38.02 -13.63
C CYS B 295 34.99 37.12 -13.69
N ASP B 296 35.07 36.10 -14.52
CA ASP B 296 34.09 35.03 -14.60
C ASP B 296 34.79 33.78 -15.10
N ALA B 297 34.28 32.61 -14.70
CA ALA B 297 34.90 31.35 -15.09
C ALA B 297 33.86 30.34 -15.48
N TYR B 298 34.28 29.36 -16.27
CA TYR B 298 33.37 28.36 -16.82
C TYR B 298 34.12 27.09 -17.19
N VAL B 299 33.38 26.01 -17.42
CA VAL B 299 33.97 24.76 -17.89
C VAL B 299 33.49 24.44 -19.31
N THR B 300 34.36 23.75 -20.03
CA THR B 300 34.08 23.32 -21.38
C THR B 300 35.01 22.15 -21.74
N ASP B 301 34.77 21.58 -22.92
CA ASP B 301 35.70 20.63 -23.51
C ASP B 301 35.69 19.24 -22.89
N PHE B 302 34.51 18.84 -22.42
CA PHE B 302 34.29 17.50 -21.87
C PHE B 302 34.38 16.43 -22.96
N PRO B 303 34.73 15.18 -22.64
CA PRO B 303 34.87 14.15 -23.65
C PRO B 303 33.53 13.77 -24.26
N LEU B 304 33.57 13.49 -25.56
CA LEU B 304 32.34 13.27 -26.34
C LEU B 304 31.56 12.03 -25.93
N ASP B 305 32.25 11.11 -25.26
CA ASP B 305 31.67 9.95 -24.59
C ASP B 305 30.48 10.24 -23.69
N LEU B 306 30.57 11.37 -22.98
CA LEU B 306 29.57 11.71 -21.98
C LEU B 306 28.40 12.47 -22.58
N ASP B 307 28.58 13.01 -23.79
CA ASP B 307 27.51 13.66 -24.52
C ASP B 307 26.95 14.91 -23.83
N ILE B 308 27.85 15.74 -23.34
CA ILE B 308 27.43 16.92 -22.58
C ILE B 308 27.02 17.99 -23.56
N ASP B 309 25.79 18.47 -23.38
CA ASP B 309 25.35 19.65 -24.11
C ASP B 309 25.91 20.87 -23.36
N PRO B 310 26.66 21.77 -24.01
CA PRO B 310 27.12 22.99 -23.36
C PRO B 310 26.02 23.98 -22.97
N LYS B 311 24.82 23.79 -23.49
CA LYS B 311 23.67 24.55 -23.01
C LYS B 311 23.17 24.07 -21.63
N ASP B 312 23.50 22.84 -21.25
CA ASP B 312 23.14 22.32 -19.93
C ASP B 312 24.25 22.50 -18.90
N ALA B 313 25.40 22.99 -19.36
CA ALA B 313 26.53 23.23 -18.50
C ALA B 313 26.53 24.68 -18.03
N ASN B 314 27.24 24.92 -16.93
CA ASN B 314 27.53 26.28 -16.49
C ASN B 314 26.32 27.06 -15.98
N LYS B 315 25.35 26.34 -15.42
CA LYS B 315 24.06 26.96 -15.07
C LYS B 315 24.13 27.58 -13.69
N GLY B 316 23.17 28.44 -13.36
CA GLY B 316 23.34 29.26 -12.15
C GLY B 316 22.65 28.72 -10.91
N THR B 317 21.89 27.65 -11.10
CA THR B 317 21.39 26.80 -10.02
C THR B 317 21.52 25.36 -10.49
N PRO B 318 21.67 24.36 -9.60
CA PRO B 318 21.74 22.96 -10.02
C PRO B 318 20.44 22.39 -10.58
N GLU B 319 19.32 22.97 -10.18
CA GLU B 319 18.01 22.64 -10.73
C GLU B 319 17.92 22.82 -12.24
N GLU B 320 18.61 23.85 -12.75
CA GLU B 320 18.64 24.09 -14.19
C GLU B 320 19.49 23.10 -14.99
N THR B 321 20.27 22.28 -14.31
CA THR B 321 21.04 21.25 -15.00
C THR B 321 20.23 19.96 -15.20
N GLY B 322 19.09 19.86 -14.50
CA GLY B 322 18.34 18.61 -14.49
C GLY B 322 18.56 17.77 -13.24
N SER B 323 19.33 18.30 -12.30
CA SER B 323 19.69 17.55 -11.11
C SER B 323 18.51 17.37 -10.16
N TYR B 324 18.56 16.27 -9.42
CA TYR B 324 17.74 16.15 -8.22
C TYR B 324 18.17 17.14 -7.14
N LEU B 325 19.46 17.46 -7.10
CA LEU B 325 20.01 18.29 -6.04
C LEU B 325 19.57 19.73 -6.26
N VAL B 326 18.95 20.29 -5.23
CA VAL B 326 18.46 21.66 -5.33
C VAL B 326 19.48 22.60 -4.69
N SER B 327 19.17 23.88 -4.74
CA SER B 327 20.12 24.90 -4.28
C SER B 327 20.45 24.87 -2.79
N LYS B 328 19.60 24.22 -1.99
CA LYS B 328 19.91 23.98 -0.58
C LYS B 328 20.99 22.91 -0.39
N ASP B 329 21.12 22.01 -1.35
CA ASP B 329 21.97 20.83 -1.18
C ASP B 329 23.42 21.14 -1.48
N LEU B 330 23.64 21.97 -2.48
CA LEU B 330 24.99 22.31 -2.91
C LEU B 330 25.37 23.70 -2.44
N PRO B 331 26.67 24.01 -2.23
CA PRO B 331 27.18 25.36 -2.06
C PRO B 331 26.62 26.38 -3.03
N LYS B 332 26.24 27.52 -2.49
CA LYS B 332 25.48 28.50 -3.26
C LYS B 332 26.43 29.41 -4.02
N HIS B 333 25.90 30.01 -5.09
CA HIS B 333 26.61 31.09 -5.80
C HIS B 333 27.66 30.62 -6.79
N CYS B 334 27.54 29.36 -7.19
CA CYS B 334 28.46 28.74 -8.14
C CYS B 334 27.80 28.65 -9.51
N LEU B 335 28.57 28.13 -10.47
CA LEU B 335 27.96 27.63 -11.70
C LEU B 335 28.00 26.10 -11.70
N TYR B 336 26.95 25.45 -12.17
CA TYR B 336 26.77 24.01 -11.98
C TYR B 336 26.70 23.29 -13.32
N THR B 337 27.34 22.14 -13.42
CA THR B 337 27.40 21.34 -14.64
C THR B 337 27.14 19.88 -14.25
N ARG B 338 26.26 19.19 -14.98
CA ARG B 338 25.90 17.82 -14.66
C ARG B 338 26.46 16.87 -15.70
N LEU B 339 27.26 15.93 -15.22
CA LEU B 339 27.93 14.97 -16.07
C LEU B 339 27.28 13.62 -15.84
N SER B 340 26.33 13.31 -16.71
CA SER B 340 25.68 12.01 -16.71
C SER B 340 26.38 11.05 -17.65
N SER B 341 26.00 9.78 -17.59
CA SER B 341 26.51 8.78 -18.53
C SER B 341 27.97 8.38 -18.29
N LEU B 342 28.42 8.47 -17.04
CA LEU B 342 29.81 8.19 -16.69
C LEU B 342 30.30 6.79 -17.04
N GLN B 343 29.37 5.84 -17.14
CA GLN B 343 29.70 4.49 -17.56
C GLN B 343 30.13 4.39 -19.03
N LYS B 344 29.87 5.41 -19.83
CA LYS B 344 30.30 5.43 -21.22
C LYS B 344 31.71 6.01 -21.41
N LEU B 345 32.32 6.52 -20.35
CA LEU B 345 33.65 7.12 -20.44
C LEU B 345 34.69 6.04 -20.74
N LYS B 346 35.41 6.23 -21.85
CA LYS B 346 36.41 5.25 -22.27
C LYS B 346 37.78 5.52 -21.66
N GLU B 347 38.09 6.80 -21.43
CA GLU B 347 39.41 7.21 -21.03
C GLU B 347 39.31 8.01 -19.73
N HIS B 348 39.94 9.16 -19.68
CA HIS B 348 39.89 10.01 -18.50
C HIS B 348 38.92 11.14 -18.74
N LEU B 349 38.29 11.57 -17.65
CA LEU B 349 37.46 12.75 -17.70
C LEU B 349 38.38 13.95 -17.61
N VAL B 350 38.69 14.44 -18.80
CA VAL B 350 39.53 15.60 -18.99
C VAL B 350 38.62 16.72 -19.48
N PHE B 351 38.77 17.89 -18.89
CA PHE B 351 37.98 19.04 -19.26
C PHE B 351 38.78 20.30 -19.04
N THR B 352 38.26 21.43 -19.51
CA THR B 352 38.99 22.69 -19.43
C THR B 352 38.18 23.61 -18.53
N VAL B 353 38.87 24.26 -17.60
CA VAL B 353 38.32 25.41 -16.90
C VAL B 353 38.88 26.65 -17.58
N CYS B 354 37.99 27.56 -17.94
CA CYS B 354 38.36 28.82 -18.58
C CYS B 354 38.06 29.98 -17.65
N LEU B 355 38.96 30.95 -17.65
CA LEU B 355 38.77 32.22 -16.94
C LEU B 355 38.73 33.32 -17.98
N SER B 356 37.77 34.21 -17.81
CA SER B 356 37.80 35.52 -18.46
C SER B 356 37.97 36.56 -17.36
N TYR B 357 38.83 37.54 -17.58
CA TYR B 357 39.02 38.60 -16.59
C TYR B 357 39.35 39.92 -17.24
N GLN B 358 39.28 40.97 -16.44
CA GLN B 358 39.71 42.29 -16.86
C GLN B 358 40.57 42.91 -15.77
N TYR B 359 41.70 43.45 -16.18
CA TYR B 359 42.55 44.20 -15.25
C TYR B 359 41.98 45.59 -15.00
N SER B 360 42.12 46.05 -13.76
CA SER B 360 41.72 47.39 -13.38
C SER B 360 42.57 48.45 -14.07
N GLY B 361 41.90 49.39 -14.72
CA GLY B 361 42.60 50.44 -15.45
C GLY B 361 42.75 50.15 -16.93
N LEU B 362 42.52 48.89 -17.28
CA LEU B 362 42.70 48.39 -18.63
C LEU B 362 41.33 48.07 -19.19
N GLU B 363 41.16 48.32 -20.48
CA GLU B 363 39.93 47.96 -21.17
C GLU B 363 39.97 46.52 -21.72
N ASP B 364 41.07 45.83 -21.45
CA ASP B 364 41.32 44.55 -22.07
C ASP B 364 40.71 43.42 -21.26
N THR B 365 39.80 42.70 -21.91
CA THR B 365 39.39 41.40 -21.38
C THR B 365 40.43 40.37 -21.80
N VAL B 366 40.90 39.63 -20.83
CA VAL B 366 41.96 38.65 -21.00
C VAL B 366 41.38 37.28 -20.67
N GLU B 367 41.80 36.31 -21.46
CA GLU B 367 41.31 34.96 -21.35
C GLU B 367 42.45 34.06 -20.89
N ASP B 368 42.10 33.05 -20.11
CA ASP B 368 43.03 32.03 -19.66
C ASP B 368 42.31 30.71 -19.53
N LYS B 369 43.06 29.62 -19.57
CA LYS B 369 42.47 28.30 -19.44
C LYS B 369 43.44 27.32 -18.81
N GLN B 370 42.87 26.37 -18.09
CA GLN B 370 43.61 25.27 -17.48
C GLN B 370 42.84 24.00 -17.75
N GLU B 371 43.57 22.97 -18.16
CA GLU B 371 42.98 21.65 -18.32
C GLU B 371 43.02 20.91 -16.98
N VAL B 372 41.92 20.26 -16.66
CA VAL B 372 41.79 19.43 -15.48
C VAL B 372 41.65 17.99 -15.95
N ASN B 373 42.19 17.07 -15.18
CA ASN B 373 41.94 15.64 -15.35
C ASN B 373 41.44 15.17 -13.99
N VAL B 374 40.29 14.50 -13.98
CA VAL B 374 39.78 13.91 -12.74
C VAL B 374 39.66 12.39 -12.80
N GLY B 375 40.23 11.77 -13.83
CA GLY B 375 40.38 10.32 -13.81
C GLY B 375 39.16 9.63 -14.35
N LYS B 376 38.79 8.53 -13.69
CA LYS B 376 37.57 7.79 -13.99
C LYS B 376 36.68 7.77 -12.75
N PRO B 377 35.87 8.81 -12.51
CA PRO B 377 35.07 8.89 -11.29
C PRO B 377 33.86 7.96 -11.30
N LEU B 378 33.51 7.51 -10.11
CA LEU B 378 32.28 6.74 -9.88
C LEU B 378 32.30 5.43 -10.66
N ILE B 379 31.19 5.04 -11.30
CA ILE B 379 31.13 3.75 -11.99
C ILE B 379 32.05 3.68 -13.23
N ALA B 380 32.53 4.84 -13.70
CA ALA B 380 33.52 4.86 -14.77
C ALA B 380 34.80 4.10 -14.45
N LYS B 381 35.15 4.05 -13.16
CA LYS B 381 36.29 3.29 -12.66
C LYS B 381 36.26 1.79 -12.95
N LEU B 382 35.08 1.25 -13.21
CA LEU B 382 35.00 -0.16 -13.60
C LEU B 382 35.60 -0.43 -14.96
N ASP B 383 35.61 0.59 -15.81
CA ASP B 383 36.30 0.53 -17.09
C ASP B 383 35.57 -0.30 -18.13
N MET B 384 34.25 -0.37 -17.99
CA MET B 384 33.45 -1.32 -18.75
C MET B 384 32.93 -0.72 -20.05
N HIS B 385 33.62 0.29 -20.55
CA HIS B 385 33.27 1.06 -21.74
C HIS B 385 33.14 0.28 -23.05
N ARG B 386 33.61 -0.96 -23.02
CA ARG B 386 33.89 -1.74 -24.20
C ARG B 386 32.87 -2.86 -24.24
#